data_6VD2
#
_entry.id   6VD2
#
_cell.length_a   61.980
_cell.length_b   101.354
_cell.length_c   84.708
_cell.angle_alpha   90.000
_cell.angle_beta   99.800
_cell.angle_gamma   90.000
#
_symmetry.space_group_name_H-M   'P 1 21 1'
#
loop_
_entity.id
_entity.type
_entity.pdbx_description
1 polymer 'S-adenosylmethionine synthase 2'
2 non-polymer S-ADENOSYLMETHIONINE
3 non-polymer 'MAGNESIUM ION'
4 non-polymer 'POTASSIUM ION'
5 non-polymer 'PHOSPHATE ION'
6 non-polymer 'TRIETHYLENE GLYCOL'
7 non-polymer '3[N-MORPHOLINO]PROPANE SULFONIC ACID'
8 non-polymer DI(HYDROXYETHYL)ETHER
9 non-polymer 3,6,9,12,15,18,21-HEPTAOXATRICOSANE-1,23-DIOL
10 water water
#
_entity_poly.entity_id   1
_entity_poly.type   'polypeptide(L)'
_entity_poly.pdbx_seq_one_letter_code
;SNAMETFLFTSESVNEGHPDKLCDQISDAVLDACLEQDPDSKVACETCTKTNMVMVFGEITTKATIDYEKIVRDTCRSIG
FISDDVGLDADKCKVLVNIEQQSPDIAQGVHGHFTKRPEDIGAGDQGHMFGYATDETPELMPLSHVLATKIGARLTEVRK
NGTCRWLRPDGKTQVTVEYYNDNGAMVPVRVHTVLISTQHDETVTNDEIARDLKEHVIKPIIPEKYLDDKTIFHLNPSGR
FVIGGPHGDAGLTGRKIIIDTYGGWGAHGGGAFSGKDPTKVDRSGAYIVRQAAKSVVANGMARRALVQVSYAIGVPEPLS
VFVDTYGTGLIPDKEILKIVKETFDFRPGMMTINLDLKRGGNGRFQKTAAYGHFGRDDPDFTWEVVKPLKWDKPQLNNIG
SG
;
_entity_poly.pdbx_strand_id   A,B
#
loop_
_chem_comp.id
_chem_comp.type
_chem_comp.name
_chem_comp.formula
K non-polymer 'POTASSIUM ION' 'K 1'
MG non-polymer 'MAGNESIUM ION' 'Mg 2'
MPO non-polymer '3[N-MORPHOLINO]PROPANE SULFONIC ACID' 'C7 H15 N O4 S'
PE8 non-polymer 3,6,9,12,15,18,21-HEPTAOXATRICOSANE-1,23-DIOL 'C16 H34 O9'
PEG non-polymer DI(HYDROXYETHYL)ETHER 'C4 H10 O3'
PGE non-polymer 'TRIETHYLENE GLYCOL' 'C6 H14 O4'
PO4 non-polymer 'PHOSPHATE ION' 'O4 P -3'
SAM non-polymer S-ADENOSYLMETHIONINE 'C15 H22 N6 O5 S'
#
# COMPACT_ATOMS: atom_id res chain seq x y z
N MET A 4 14.46 -25.43 -18.60
CA MET A 4 13.96 -24.65 -17.43
C MET A 4 13.97 -23.15 -17.80
N GLU A 5 12.80 -22.60 -18.21
CA GLU A 5 12.50 -21.14 -18.33
C GLU A 5 12.25 -20.59 -16.93
N THR A 6 12.94 -19.53 -16.55
CA THR A 6 12.85 -18.97 -15.17
C THR A 6 12.50 -17.50 -15.27
N PHE A 7 12.14 -16.88 -14.15
CA PHE A 7 11.91 -15.42 -14.10
C PHE A 7 12.45 -14.92 -12.76
N LEU A 8 12.68 -13.62 -12.68
CA LEU A 8 13.19 -12.94 -11.47
C LEU A 8 12.04 -12.21 -10.82
N PHE A 9 11.92 -12.38 -9.50
CA PHE A 9 10.93 -11.69 -8.64
C PHE A 9 11.65 -11.17 -7.42
N THR A 10 11.34 -9.93 -7.10
CA THR A 10 12.05 -9.11 -6.06
C THR A 10 11.03 -8.74 -4.99
N SER A 11 11.43 -8.81 -3.71
CA SER A 11 10.69 -8.26 -2.55
C SER A 11 11.72 -7.55 -1.66
N GLU A 12 11.27 -6.57 -0.90
CA GLU A 12 12.14 -5.87 0.07
C GLU A 12 11.62 -6.08 1.51
N SER A 13 12.40 -5.57 2.47
CA SER A 13 11.98 -5.39 3.87
C SER A 13 12.76 -4.20 4.44
N VAL A 14 12.29 -3.72 5.56
CA VAL A 14 12.95 -2.69 6.37
C VAL A 14 12.92 -3.19 7.79
N ASN A 15 13.89 -2.82 8.63
CA ASN A 15 13.87 -3.40 9.98
C ASN A 15 13.13 -2.41 10.90
N GLU A 16 13.12 -2.77 12.18
CA GLU A 16 12.39 -1.99 13.22
C GLU A 16 12.82 -0.53 13.29
N GLY A 17 13.98 -0.13 12.76
CA GLY A 17 14.54 1.21 12.98
C GLY A 17 14.29 2.13 11.80
N HIS A 18 13.76 1.56 10.70
CA HIS A 18 13.23 2.37 9.57
C HIS A 18 12.11 3.28 10.07
N PRO A 19 12.13 4.58 9.69
CA PRO A 19 11.25 5.58 10.29
C PRO A 19 9.75 5.34 10.04
N ASP A 20 9.41 4.63 8.97
CA ASP A 20 8.00 4.29 8.70
C ASP A 20 7.64 3.16 9.64
N LYS A 21 8.49 2.14 9.72
CA LYS A 21 8.22 0.97 10.62
C LYS A 21 8.21 1.45 12.08
N LEU A 22 9.05 2.40 12.43
CA LEU A 22 8.98 3.00 13.81
C LEU A 22 7.56 3.49 14.12
N CYS A 23 6.94 4.21 13.18
CA CYS A 23 5.58 4.77 13.30
C CYS A 23 4.58 3.63 13.45
N ASP A 24 4.67 2.62 12.60
CA ASP A 24 3.82 1.38 12.71
C ASP A 24 3.99 0.80 14.13
N GLN A 25 5.23 0.77 14.63
CA GLN A 25 5.46 0.10 15.93
C GLN A 25 4.84 0.95 17.04
N ILE A 26 4.99 2.29 16.98
CA ILE A 26 4.41 3.28 17.95
C ILE A 26 2.88 3.20 17.92
N SER A 27 2.28 3.28 16.73
CA SER A 27 0.81 3.07 16.49
C SER A 27 0.32 1.79 17.18
N ASP A 28 1.04 0.69 17.09
CA ASP A 28 0.62 -0.61 17.67
C ASP A 28 0.96 -0.65 19.18
N ALA A 29 1.90 0.15 19.64
CA ALA A 29 2.21 0.27 21.07
C ALA A 29 1.00 0.96 21.75
N VAL A 30 0.50 2.06 21.18
CA VAL A 30 -0.72 2.77 21.64
C VAL A 30 -1.89 1.77 21.61
N LEU A 31 -2.09 1.03 20.52
CA LEU A 31 -3.21 0.06 20.48
C LEU A 31 -3.07 -0.92 21.66
N ASP A 32 -1.90 -1.54 21.81
CA ASP A 32 -1.70 -2.60 22.83
C ASP A 32 -2.08 -2.03 24.21
N ALA A 33 -1.65 -0.80 24.48
CA ALA A 33 -1.87 -0.08 25.76
C ALA A 33 -3.36 0.14 26.03
N CYS A 34 -4.13 0.56 25.01
CA CYS A 34 -5.57 0.87 25.14
C CYS A 34 -6.27 -0.45 25.45
N LEU A 35 -5.95 -1.52 24.71
CA LEU A 35 -6.59 -2.86 24.83
C LEU A 35 -6.29 -3.54 26.16
N GLU A 36 -5.03 -3.47 26.59
CA GLU A 36 -4.60 -4.02 27.89
C GLU A 36 -5.59 -3.53 28.98
N GLN A 37 -6.07 -2.29 28.94
CA GLN A 37 -6.91 -1.67 30.04
C GLN A 37 -8.40 -1.74 29.69
N ASP A 38 -8.72 -1.50 28.42
CA ASP A 38 -10.09 -1.50 27.84
C ASP A 38 -10.02 -2.30 26.54
N PRO A 39 -10.31 -3.61 26.60
CA PRO A 39 -10.46 -4.45 25.39
C PRO A 39 -11.48 -3.97 24.34
N ASP A 40 -12.44 -3.13 24.72
CA ASP A 40 -13.43 -2.62 23.74
C ASP A 40 -12.94 -1.31 23.09
N SER A 41 -11.67 -0.96 23.25
CA SER A 41 -11.10 0.31 22.73
C SER A 41 -11.36 0.42 21.25
N LYS A 42 -11.81 1.59 20.84
CA LYS A 42 -11.87 1.97 19.41
C LYS A 42 -10.63 2.81 19.09
N VAL A 43 -9.74 2.28 18.25
CA VAL A 43 -8.37 2.85 18.04
C VAL A 43 -8.09 2.85 16.53
N ALA A 44 -7.74 4.05 16.08
CA ALA A 44 -7.32 4.46 14.74
C ALA A 44 -6.14 5.41 15.01
N CYS A 45 -5.03 4.87 15.52
CA CYS A 45 -3.86 5.68 15.98
C CYS A 45 -2.78 5.79 14.89
N GLU A 46 -2.67 6.97 14.27
CA GLU A 46 -1.68 7.32 13.26
C GLU A 46 -0.47 7.97 13.91
N THR A 47 0.70 7.71 13.37
CA THR A 47 1.97 8.25 13.83
C THR A 47 2.73 8.80 12.62
N CYS A 48 3.40 9.93 12.84
CA CYS A 48 4.41 10.46 11.92
C CYS A 48 5.60 11.08 12.68
N THR A 49 6.75 11.08 12.02
CA THR A 49 8.06 11.42 12.63
C THR A 49 8.92 12.09 11.58
N LYS A 50 9.68 13.10 12.01
CA LYS A 50 10.77 13.79 11.29
C LYS A 50 11.75 14.24 12.39
N THR A 51 12.80 14.91 11.97
CA THR A 51 13.92 15.33 12.82
C THR A 51 13.36 15.86 14.12
N ASN A 52 13.57 15.10 15.20
CA ASN A 52 13.38 15.56 16.59
C ASN A 52 11.89 15.80 16.87
N MET A 53 11.02 15.10 16.11
CA MET A 53 9.56 15.24 16.28
C MET A 53 8.89 13.87 16.12
N VAL A 54 7.99 13.57 17.03
CA VAL A 54 7.00 12.49 16.81
C VAL A 54 5.58 13.06 17.06
N MET A 55 4.65 12.70 16.18
CA MET A 55 3.22 13.07 16.31
C MET A 55 2.36 11.81 16.24
N VAL A 56 1.59 11.56 17.28
CA VAL A 56 0.50 10.57 17.28
C VAL A 56 -0.81 11.35 17.11
N PHE A 57 -1.69 10.86 16.26
CA PHE A 57 -2.94 11.58 15.91
C PHE A 57 -4.00 10.62 15.39
N GLY A 58 -5.26 11.06 15.42
CA GLY A 58 -6.40 10.25 14.98
C GLY A 58 -7.40 10.09 16.11
N GLU A 59 -8.00 8.91 16.24
CA GLU A 59 -9.28 8.75 16.95
C GLU A 59 -9.15 7.55 17.87
N ILE A 60 -9.38 7.79 19.14
CA ILE A 60 -9.42 6.71 20.15
C ILE A 60 -10.61 7.00 21.08
N THR A 61 -11.48 6.02 21.24
CA THR A 61 -12.45 6.01 22.35
C THR A 61 -12.03 4.86 23.25
N THR A 62 -11.53 5.15 24.44
CA THR A 62 -11.10 4.11 25.43
C THR A 62 -11.44 4.57 26.84
N LYS A 63 -11.62 3.63 27.75
CA LYS A 63 -11.69 3.88 29.19
C LYS A 63 -10.28 3.84 29.77
N ALA A 64 -9.29 3.42 28.98
CA ALA A 64 -7.89 3.34 29.48
C ALA A 64 -7.43 4.72 29.90
N THR A 65 -6.60 4.74 30.95
CA THR A 65 -5.73 5.87 31.29
C THR A 65 -4.40 5.66 30.55
N ILE A 66 -4.17 6.47 29.52
CA ILE A 66 -2.98 6.42 28.63
C ILE A 66 -2.16 7.71 28.82
N ASP A 67 -0.83 7.60 28.84
CA ASP A 67 0.05 8.75 28.56
C ASP A 67 0.73 8.46 27.22
N TYR A 68 0.32 9.20 26.19
CA TYR A 68 0.70 8.96 24.78
C TYR A 68 2.21 9.21 24.66
N GLU A 69 2.67 10.25 25.38
CA GLU A 69 4.09 10.73 25.43
C GLU A 69 5.01 9.61 25.93
N LYS A 70 4.70 8.93 27.02
CA LYS A 70 5.53 7.81 27.53
C LYS A 70 5.57 6.62 26.54
N ILE A 71 4.47 6.28 25.89
CA ILE A 71 4.44 5.13 24.95
C ILE A 71 5.38 5.43 23.76
N VAL A 72 5.27 6.60 23.16
CA VAL A 72 6.18 7.08 22.09
C VAL A 72 7.64 6.88 22.55
N ARG A 73 7.97 7.50 23.69
CA ARG A 73 9.37 7.63 24.19
C ARG A 73 9.92 6.24 24.54
N ASP A 74 9.07 5.31 25.02
CA ASP A 74 9.48 3.91 25.36
C ASP A 74 9.73 3.12 24.07
N THR A 75 8.79 3.19 23.13
CA THR A 75 8.90 2.49 21.83
C THR A 75 10.19 2.95 21.16
N CYS A 76 10.40 4.26 21.08
CA CYS A 76 11.61 4.84 20.43
C CYS A 76 12.87 4.26 21.13
N ARG A 77 12.85 4.18 22.46
CA ARG A 77 13.99 3.70 23.29
C ARG A 77 14.30 2.25 22.97
N SER A 78 13.31 1.36 23.03
CA SER A 78 13.63 -0.09 22.89
C SER A 78 14.25 -0.36 21.53
N ILE A 79 13.90 0.45 20.52
CA ILE A 79 14.32 0.21 19.10
C ILE A 79 15.80 0.64 18.98
N GLY A 80 16.24 1.56 19.86
CA GLY A 80 17.61 2.09 19.87
C GLY A 80 17.74 3.60 19.59
N PHE A 81 16.64 4.35 19.47
CA PHE A 81 16.69 5.79 19.14
C PHE A 81 16.86 6.57 20.46
N ILE A 82 18.12 6.64 20.91
CA ILE A 82 18.53 7.15 22.25
C ILE A 82 19.54 8.32 22.14
N SER A 83 19.80 8.90 20.98
CA SER A 83 20.63 10.11 20.77
C SER A 83 20.35 10.71 19.40
N ASP A 84 20.64 12.00 19.24
CA ASP A 84 20.62 12.71 17.93
C ASP A 84 21.60 12.04 16.94
N ASP A 85 22.68 11.41 17.42
CA ASP A 85 23.65 10.68 16.58
C ASP A 85 23.03 9.47 15.85
N VAL A 86 22.06 8.77 16.42
CA VAL A 86 21.49 7.55 15.77
C VAL A 86 20.19 7.93 15.04
N GLY A 87 19.75 9.20 15.12
CA GLY A 87 18.74 9.80 14.23
C GLY A 87 17.45 10.21 14.91
N LEU A 88 17.29 9.93 16.21
CA LEU A 88 16.22 10.48 17.09
C LEU A 88 16.57 10.19 18.56
N ASP A 89 16.25 11.11 19.43
CA ASP A 89 16.53 10.98 20.89
C ASP A 89 15.19 10.84 21.61
N ALA A 90 14.84 9.60 21.98
CA ALA A 90 13.57 9.27 22.65
C ALA A 90 13.32 10.25 23.81
N ASP A 91 14.36 10.73 24.50
CA ASP A 91 14.15 11.55 25.74
C ASP A 91 14.12 13.04 25.44
N LYS A 92 14.54 13.50 24.26
CA LYS A 92 14.58 14.95 23.97
C LYS A 92 13.62 15.34 22.85
N CYS A 93 13.17 14.44 21.98
CA CYS A 93 12.34 14.83 20.82
C CYS A 93 11.04 15.44 21.33
N LYS A 94 10.51 16.38 20.57
CA LYS A 94 9.13 16.89 20.73
C LYS A 94 8.15 15.74 20.48
N VAL A 95 7.14 15.57 21.32
CA VAL A 95 6.03 14.61 21.06
C VAL A 95 4.74 15.41 20.98
N LEU A 96 4.09 15.39 19.82
CA LEU A 96 2.82 16.08 19.54
C LEU A 96 1.70 15.04 19.52
N VAL A 97 0.52 15.45 20.02
CA VAL A 97 -0.72 14.63 20.13
C VAL A 97 -1.92 15.42 19.61
N ASN A 98 -2.56 14.93 18.55
CA ASN A 98 -3.89 15.42 18.07
C ASN A 98 -4.79 14.18 17.97
N ILE A 99 -5.20 13.63 19.11
CA ILE A 99 -6.09 12.46 19.24
C ILE A 99 -7.45 12.90 19.77
N GLU A 100 -8.53 12.48 19.11
CA GLU A 100 -9.91 12.82 19.49
C GLU A 100 -10.77 11.55 19.57
N GLN A 101 -11.99 11.63 20.11
CA GLN A 101 -12.84 10.41 20.13
C GLN A 101 -13.32 10.11 18.70
N GLN A 102 -13.63 8.84 18.41
CA GLN A 102 -14.22 8.37 17.12
C GLN A 102 -15.45 9.25 16.81
N SER A 103 -15.60 9.66 15.56
CA SER A 103 -16.84 10.31 15.04
C SER A 103 -18.05 9.56 15.59
N PRO A 104 -19.02 10.27 16.23
CA PRO A 104 -20.27 9.65 16.67
C PRO A 104 -21.04 9.05 15.49
N ASP A 105 -20.85 9.64 14.32
CA ASP A 105 -21.51 9.21 13.07
C ASP A 105 -21.00 7.83 12.70
N ILE A 106 -19.69 7.58 12.85
CA ILE A 106 -19.09 6.24 12.55
C ILE A 106 -19.54 5.26 13.65
N ALA A 107 -19.40 5.66 14.90
CA ALA A 107 -19.69 4.78 16.05
C ALA A 107 -21.16 4.26 15.98
N GLN A 108 -22.16 4.99 15.50
CA GLN A 108 -23.58 4.51 15.56
C GLN A 108 -23.73 3.38 14.54
N GLY A 109 -23.18 3.57 13.32
CA GLY A 109 -23.27 2.61 12.22
C GLY A 109 -22.50 1.34 12.50
N VAL A 110 -21.25 1.46 12.97
CA VAL A 110 -20.34 0.32 13.25
C VAL A 110 -20.83 -0.54 14.43
N HIS A 111 -20.93 0.02 15.64
CA HIS A 111 -21.09 -0.74 16.91
C HIS A 111 -22.16 -0.12 17.85
N GLY A 112 -23.07 0.70 17.28
CA GLY A 112 -24.20 1.37 17.97
C GLY A 112 -23.76 2.03 19.26
N HIS A 113 -22.55 2.60 19.30
CA HIS A 113 -21.95 3.13 20.55
C HIS A 113 -21.87 2.01 21.61
N PHE A 114 -21.15 0.92 21.31
CA PHE A 114 -20.75 -0.16 22.26
C PHE A 114 -22.00 -1.01 22.56
N THR A 115 -23.06 -1.00 21.71
CA THR A 115 -24.35 -1.65 22.08
C THR A 115 -24.66 -2.85 21.19
N LYS A 116 -24.05 -2.97 20.01
CA LYS A 116 -24.34 -4.07 19.09
C LYS A 116 -23.58 -5.31 19.56
N ARG A 117 -24.26 -6.45 19.46
CA ARG A 117 -23.79 -7.86 19.61
C ARG A 117 -22.83 -8.26 18.49
N PRO A 118 -21.88 -9.14 18.82
CA PRO A 118 -20.84 -9.54 17.87
C PRO A 118 -21.33 -9.72 16.42
N GLU A 119 -22.34 -10.56 16.25
CA GLU A 119 -22.83 -11.07 14.95
C GLU A 119 -23.47 -9.93 14.12
N ASP A 120 -23.73 -8.78 14.74
CA ASP A 120 -24.42 -7.60 14.16
C ASP A 120 -23.44 -6.46 13.98
N ILE A 121 -22.25 -6.53 14.60
CA ILE A 121 -21.19 -5.50 14.43
C ILE A 121 -20.97 -5.30 12.91
N GLY A 122 -21.08 -4.08 12.44
CA GLY A 122 -20.78 -3.76 11.04
C GLY A 122 -19.28 -3.60 10.80
N ALA A 123 -18.85 -3.82 9.57
CA ALA A 123 -17.47 -3.45 9.17
C ALA A 123 -17.23 -2.01 9.62
N GLY A 124 -16.03 -1.72 10.11
CA GLY A 124 -15.75 -0.36 10.61
C GLY A 124 -15.48 0.61 9.46
N ASP A 125 -15.30 0.04 8.29
CA ASP A 125 -15.12 0.83 7.07
C ASP A 125 -15.50 -0.10 5.91
N GLN A 126 -15.58 0.45 4.71
CA GLN A 126 -15.55 -0.35 3.42
C GLN A 126 -14.10 -0.75 3.11
N GLY A 127 -13.92 -1.58 2.11
CA GLY A 127 -12.60 -1.85 1.49
C GLY A 127 -12.55 -3.31 1.15
N HIS A 128 -11.41 -3.77 0.66
CA HIS A 128 -11.17 -5.18 0.30
C HIS A 128 -9.76 -5.60 0.77
N MET A 129 -9.61 -6.87 1.06
CA MET A 129 -8.41 -7.44 1.72
C MET A 129 -8.03 -8.73 1.00
N PHE A 130 -6.74 -9.05 0.92
CA PHE A 130 -6.41 -10.35 0.28
C PHE A 130 -5.59 -11.19 1.22
N GLY A 131 -5.81 -12.51 1.11
CA GLY A 131 -4.99 -13.54 1.76
C GLY A 131 -4.30 -14.37 0.72
N TYR A 132 -3.08 -14.78 1.02
CA TYR A 132 -2.23 -15.55 0.07
C TYR A 132 -1.49 -16.63 0.85
N ALA A 133 -1.16 -17.73 0.22
CA ALA A 133 -0.27 -18.75 0.78
C ALA A 133 0.36 -19.53 -0.37
N THR A 134 1.57 -20.02 -0.12
CA THR A 134 2.38 -20.72 -1.14
C THR A 134 3.20 -21.81 -0.46
N ASP A 135 3.19 -23.02 -1.04
CA ASP A 135 3.88 -24.21 -0.49
C ASP A 135 5.42 -24.14 -0.67
N GLU A 136 5.99 -22.97 -1.01
CA GLU A 136 7.43 -22.86 -1.39
C GLU A 136 8.30 -22.73 -0.15
N THR A 137 7.73 -22.38 0.99
CA THR A 137 8.43 -22.33 2.29
C THR A 137 7.55 -22.99 3.34
N PRO A 138 8.19 -23.51 4.40
CA PRO A 138 7.44 -24.16 5.46
C PRO A 138 6.38 -23.23 6.09
N GLU A 139 6.66 -21.91 6.23
CA GLU A 139 5.68 -20.95 6.82
C GLU A 139 4.60 -20.62 5.77
N LEU A 140 4.70 -21.22 4.57
CA LEU A 140 3.72 -21.08 3.46
C LEU A 140 3.67 -19.60 3.00
N MET A 141 4.85 -19.02 2.89
CA MET A 141 5.04 -17.65 2.39
C MET A 141 5.96 -17.63 1.18
N PRO A 142 5.96 -16.52 0.46
CA PRO A 142 6.91 -16.38 -0.66
C PRO A 142 8.39 -16.29 -0.23
N LEU A 143 9.27 -17.04 -0.92
CA LEU A 143 10.70 -17.06 -0.53
C LEU A 143 11.30 -15.63 -0.60
N SER A 144 11.02 -14.88 -1.67
CA SER A 144 11.58 -13.52 -1.85
C SER A 144 11.27 -12.69 -0.62
N HIS A 145 10.02 -12.71 -0.15
CA HIS A 145 9.60 -11.91 1.05
C HIS A 145 10.29 -12.40 2.33
N VAL A 146 10.16 -13.70 2.58
CA VAL A 146 10.76 -14.43 3.74
C VAL A 146 12.26 -14.15 3.87
N LEU A 147 13.07 -14.26 2.82
CA LEU A 147 14.53 -13.95 2.94
C LEU A 147 14.78 -12.46 3.23
N ALA A 148 14.13 -11.53 2.50
CA ALA A 148 14.31 -10.08 2.71
C ALA A 148 13.95 -9.82 4.15
N THR A 149 12.85 -10.38 4.59
CA THR A 149 12.39 -10.13 5.99
C THR A 149 13.37 -10.79 6.97
N LYS A 150 13.68 -12.09 6.80
CA LYS A 150 14.56 -12.71 7.82
C LYS A 150 15.97 -12.03 7.81
N ILE A 151 16.47 -11.58 6.65
CA ILE A 151 17.72 -10.77 6.63
C ILE A 151 17.52 -9.48 7.42
N GLY A 152 16.41 -8.77 7.29
CA GLY A 152 16.24 -7.53 8.10
C GLY A 152 16.26 -7.76 9.63
N ALA A 153 15.59 -8.82 10.10
CA ALA A 153 15.53 -9.25 11.52
C ALA A 153 16.94 -9.58 12.01
N ARG A 154 17.69 -10.39 11.25
CA ARG A 154 19.12 -10.67 11.53
C ARG A 154 19.91 -9.38 11.69
N LEU A 155 19.67 -8.38 10.84
CA LEU A 155 20.43 -7.12 10.83
C LEU A 155 20.23 -6.42 12.17
N THR A 156 19.01 -6.42 12.70
CA THR A 156 18.69 -5.92 14.06
C THR A 156 19.39 -6.78 15.12
N GLU A 157 19.33 -8.11 15.00
CA GLU A 157 19.84 -9.07 16.03
C GLU A 157 21.36 -8.88 16.25
N VAL A 158 22.15 -8.76 15.19
CA VAL A 158 23.65 -8.61 15.28
C VAL A 158 24.01 -7.20 15.78
N ARG A 159 23.13 -6.20 15.66
CA ARG A 159 23.31 -4.87 16.32
C ARG A 159 23.08 -5.02 17.84
N LYS A 160 22.01 -5.68 18.24
CA LYS A 160 21.63 -5.80 19.67
C LYS A 160 22.46 -6.87 20.37
N ASN A 161 22.95 -7.91 19.74
CA ASN A 161 23.75 -8.96 20.46
C ASN A 161 25.24 -8.62 20.39
N GLY A 162 25.62 -7.52 19.78
CA GLY A 162 27.02 -7.08 19.83
C GLY A 162 27.93 -7.77 18.81
N THR A 163 27.37 -8.56 17.86
CA THR A 163 28.09 -9.22 16.74
C THR A 163 28.65 -8.17 15.76
N CYS A 164 27.88 -7.10 15.48
CA CYS A 164 28.29 -5.90 14.67
C CYS A 164 27.96 -4.59 15.42
N ARG A 165 28.93 -4.11 16.17
CA ARG A 165 28.83 -2.94 17.09
C ARG A 165 28.69 -1.63 16.31
N TRP A 166 29.07 -1.63 15.03
CA TRP A 166 29.09 -0.44 14.15
C TRP A 166 27.68 -0.11 13.60
N LEU A 167 26.75 -1.04 13.71
CA LEU A 167 25.37 -0.91 13.17
C LEU A 167 24.62 0.22 13.90
N ARG A 168 23.74 0.93 13.19
CA ARG A 168 22.68 1.77 13.78
C ARG A 168 21.34 1.24 13.33
N PRO A 169 20.22 1.68 13.95
CA PRO A 169 18.95 0.95 13.81
C PRO A 169 18.26 0.84 12.44
N ASP A 170 18.40 1.88 11.60
CA ASP A 170 17.69 2.05 10.30
C ASP A 170 18.34 1.14 9.25
N GLY A 171 17.60 0.15 8.70
CA GLY A 171 18.15 -0.74 7.67
C GLY A 171 17.07 -1.24 6.73
N LYS A 172 17.43 -1.48 5.47
CA LYS A 172 16.52 -2.05 4.43
C LYS A 172 17.28 -3.14 3.71
N THR A 173 16.53 -4.05 3.12
CA THR A 173 17.00 -5.31 2.50
C THR A 173 16.16 -5.46 1.26
N GLN A 174 16.63 -6.28 0.33
CA GLN A 174 15.85 -6.59 -0.88
C GLN A 174 16.50 -7.82 -1.42
N VAL A 175 15.69 -8.78 -1.87
CA VAL A 175 16.16 -10.06 -2.41
C VAL A 175 15.45 -10.29 -3.74
N THR A 176 16.21 -10.68 -4.78
CA THR A 176 15.70 -11.10 -6.09
C THR A 176 15.85 -12.62 -6.14
N VAL A 177 14.74 -13.31 -6.28
CA VAL A 177 14.74 -14.78 -6.34
C VAL A 177 14.45 -15.20 -7.79
N GLU A 178 15.15 -16.23 -8.24
CA GLU A 178 15.00 -16.74 -9.62
C GLU A 178 14.08 -17.96 -9.52
N TYR A 179 12.90 -17.88 -10.14
CA TYR A 179 11.81 -18.86 -9.94
C TYR A 179 11.51 -19.59 -11.25
N TYR A 180 11.04 -20.83 -11.11
CA TYR A 180 10.39 -21.71 -12.10
C TYR A 180 8.91 -21.79 -11.73
N ASN A 181 8.04 -21.60 -12.70
CA ASN A 181 6.61 -21.95 -12.62
C ASN A 181 6.44 -23.45 -12.94
N ASP A 182 5.98 -24.24 -11.97
CA ASP A 182 5.62 -25.66 -12.14
C ASP A 182 4.10 -25.82 -12.08
N ASN A 183 3.40 -25.77 -13.23
CA ASN A 183 1.92 -25.85 -13.30
C ASN A 183 1.22 -24.90 -12.31
N GLY A 184 1.70 -23.66 -12.23
CA GLY A 184 1.15 -22.56 -11.42
C GLY A 184 1.70 -22.49 -10.02
N ALA A 185 2.43 -23.50 -9.55
CA ALA A 185 3.24 -23.44 -8.31
C ALA A 185 4.57 -22.76 -8.55
N MET A 186 5.06 -22.03 -7.54
CA MET A 186 6.33 -21.27 -7.60
C MET A 186 7.44 -22.09 -6.94
N VAL A 187 8.48 -22.42 -7.72
CA VAL A 187 9.63 -23.23 -7.26
C VAL A 187 10.83 -22.31 -7.32
N PRO A 188 11.33 -21.86 -6.15
CA PRO A 188 12.59 -21.14 -6.11
C PRO A 188 13.74 -21.98 -6.70
N VAL A 189 14.61 -21.34 -7.45
CA VAL A 189 15.79 -21.99 -8.08
C VAL A 189 17.01 -21.51 -7.30
N ARG A 190 17.17 -20.18 -7.25
CA ARG A 190 18.33 -19.59 -6.54
C ARG A 190 18.08 -18.11 -6.27
N VAL A 191 18.90 -17.56 -5.36
CA VAL A 191 18.96 -16.10 -5.08
C VAL A 191 19.88 -15.46 -6.11
N HIS A 192 19.29 -14.52 -6.87
CA HIS A 192 19.91 -13.79 -7.99
C HIS A 192 20.71 -12.61 -7.47
N THR A 193 20.08 -11.78 -6.65
CA THR A 193 20.63 -10.50 -6.08
C THR A 193 20.18 -10.30 -4.63
N VAL A 194 21.12 -9.88 -3.78
CA VAL A 194 20.85 -9.46 -2.38
C VAL A 194 21.34 -8.03 -2.20
N LEU A 195 20.48 -7.17 -1.68
CA LEU A 195 20.77 -5.74 -1.39
C LEU A 195 20.55 -5.59 0.10
N ILE A 196 21.50 -4.94 0.76
CA ILE A 196 21.28 -4.41 2.11
C ILE A 196 21.77 -2.99 2.08
N SER A 197 20.99 -2.06 2.63
CA SER A 197 21.47 -0.73 3.04
C SER A 197 21.21 -0.59 4.53
N THR A 198 22.25 -0.29 5.33
CA THR A 198 22.10 -0.17 6.79
C THR A 198 22.84 1.08 7.27
N GLN A 199 22.20 1.80 8.17
CA GLN A 199 22.84 2.88 8.96
C GLN A 199 24.01 2.27 9.76
N HIS A 200 25.03 3.08 10.00
CA HIS A 200 26.34 2.68 10.55
C HIS A 200 26.98 3.90 11.19
N ASP A 201 27.91 3.67 12.11
CA ASP A 201 28.66 4.74 12.81
C ASP A 201 29.90 5.08 11.97
N GLU A 202 30.76 5.98 12.46
CA GLU A 202 31.91 6.48 11.67
C GLU A 202 33.17 5.71 12.03
N THR A 203 33.04 4.46 12.51
CA THR A 203 34.19 3.63 12.98
C THR A 203 34.54 2.58 11.92
N VAL A 204 33.67 2.39 10.93
CA VAL A 204 33.70 1.18 10.05
C VAL A 204 33.92 1.58 8.59
N THR A 205 34.80 0.86 7.87
CA THR A 205 35.08 1.11 6.43
C THR A 205 34.06 0.36 5.62
N ASN A 206 33.89 0.71 4.36
CA ASN A 206 32.87 0.02 3.54
C ASN A 206 33.28 -1.44 3.24
N ASP A 207 34.58 -1.78 3.23
CA ASP A 207 35.06 -3.19 3.10
C ASP A 207 34.64 -4.01 4.33
N GLU A 208 34.66 -3.41 5.51
CA GLU A 208 34.29 -4.12 6.78
C GLU A 208 32.76 -4.30 6.86
N ILE A 209 32.00 -3.33 6.35
CA ILE A 209 30.50 -3.42 6.23
C ILE A 209 30.18 -4.58 5.28
N ALA A 210 30.87 -4.67 4.14
CA ALA A 210 30.52 -5.67 3.08
C ALA A 210 30.79 -7.04 3.66
N ARG A 211 31.98 -7.19 4.26
CA ARG A 211 32.45 -8.45 4.88
C ARG A 211 31.43 -8.89 5.93
N ASP A 212 31.17 -8.05 6.96
CA ASP A 212 30.27 -8.33 8.10
C ASP A 212 28.85 -8.71 7.63
N LEU A 213 28.28 -7.94 6.68
CA LEU A 213 26.92 -8.23 6.11
C LEU A 213 26.90 -9.60 5.40
N LYS A 214 27.92 -9.92 4.61
CA LYS A 214 27.93 -11.27 3.96
C LYS A 214 28.03 -12.38 5.01
N GLU A 215 28.95 -12.25 5.97
CA GLU A 215 29.35 -13.30 6.93
C GLU A 215 28.34 -13.43 8.07
N HIS A 216 27.97 -12.32 8.75
CA HIS A 216 27.14 -12.30 9.99
C HIS A 216 25.63 -12.20 9.67
N VAL A 217 25.23 -11.64 8.52
CA VAL A 217 23.80 -11.30 8.25
C VAL A 217 23.24 -12.16 7.12
N ILE A 218 23.89 -12.24 5.96
CA ILE A 218 23.36 -12.97 4.76
C ILE A 218 23.60 -14.48 4.81
N LYS A 219 24.81 -14.96 5.04
CA LYS A 219 25.09 -16.42 4.93
C LYS A 219 24.29 -17.17 5.99
N PRO A 220 24.05 -16.61 7.19
CA PRO A 220 23.34 -17.32 8.25
C PRO A 220 21.85 -17.48 7.96
N ILE A 221 21.30 -16.63 7.10
CA ILE A 221 19.84 -16.60 6.84
C ILE A 221 19.52 -17.36 5.54
N ILE A 222 20.27 -17.18 4.46
CA ILE A 222 19.88 -17.77 3.15
C ILE A 222 20.37 -19.22 3.07
N PRO A 223 19.46 -20.19 2.86
CA PRO A 223 19.87 -21.56 2.55
C PRO A 223 21.00 -21.62 1.51
N GLU A 224 21.95 -22.51 1.79
CA GLU A 224 23.24 -22.63 1.08
C GLU A 224 22.93 -22.96 -0.37
N LYS A 225 21.91 -23.78 -0.58
CA LYS A 225 21.53 -24.29 -1.91
C LYS A 225 20.95 -23.22 -2.82
N TYR A 226 20.61 -22.01 -2.34
CA TYR A 226 20.10 -20.92 -3.21
C TYR A 226 21.22 -19.89 -3.48
N LEU A 227 22.39 -20.09 -2.89
CA LEU A 227 23.52 -19.13 -3.04
C LEU A 227 24.60 -19.75 -3.91
N ASP A 228 25.14 -19.01 -4.84
CA ASP A 228 26.17 -19.58 -5.73
C ASP A 228 27.10 -18.42 -6.07
N ASP A 229 28.12 -18.65 -6.87
CA ASP A 229 29.21 -17.63 -6.97
C ASP A 229 28.83 -16.58 -8.01
N LYS A 230 27.63 -16.66 -8.60
CA LYS A 230 27.09 -15.62 -9.51
C LYS A 230 26.07 -14.73 -8.78
N THR A 231 25.59 -15.13 -7.60
CA THR A 231 24.66 -14.30 -6.80
C THR A 231 25.29 -12.92 -6.68
N ILE A 232 24.56 -11.87 -7.02
CA ILE A 232 25.04 -10.46 -7.02
C ILE A 232 24.69 -9.91 -5.65
N PHE A 233 25.63 -9.19 -5.07
CA PHE A 233 25.57 -8.55 -3.72
C PHE A 233 25.73 -7.04 -3.91
N HIS A 234 24.77 -6.25 -3.41
CA HIS A 234 24.90 -4.78 -3.26
C HIS A 234 24.92 -4.53 -1.77
N LEU A 235 25.99 -3.98 -1.24
CA LEU A 235 26.16 -3.82 0.23
C LEU A 235 26.50 -2.36 0.53
N ASN A 236 25.58 -1.66 1.10
CA ASN A 236 25.59 -0.18 1.25
C ASN A 236 26.04 0.42 -0.07
N PRO A 237 25.32 0.19 -1.19
CA PRO A 237 25.64 0.81 -2.50
C PRO A 237 25.69 2.34 -2.65
N SER A 238 25.10 3.07 -1.70
CA SER A 238 25.11 4.56 -1.66
C SER A 238 26.45 5.07 -1.13
N GLY A 239 27.22 4.23 -0.42
CA GLY A 239 28.61 4.45 -0.02
C GLY A 239 28.71 5.08 1.38
N ARG A 240 27.63 5.65 1.90
CA ARG A 240 27.64 6.30 3.24
C ARG A 240 26.21 6.39 3.75
N PHE A 241 25.96 5.84 4.94
CA PHE A 241 24.63 5.80 5.61
C PHE A 241 24.87 6.05 7.11
N VAL A 242 25.22 7.28 7.44
CA VAL A 242 25.54 7.69 8.85
C VAL A 242 24.31 8.33 9.47
N ILE A 243 23.75 9.32 8.79
CA ILE A 243 22.46 9.98 9.15
C ILE A 243 21.37 8.96 8.80
N GLY A 244 20.44 8.72 9.71
CA GLY A 244 19.38 7.73 9.53
C GLY A 244 18.17 8.04 10.37
N GLY A 245 17.28 7.05 10.41
CA GLY A 245 16.03 7.18 11.16
C GLY A 245 15.31 8.38 10.61
N PRO A 246 14.50 9.00 11.51
CA PRO A 246 13.69 10.16 11.18
C PRO A 246 14.55 11.34 10.76
N HIS A 247 15.79 11.39 11.25
CA HIS A 247 16.68 12.54 10.92
C HIS A 247 16.90 12.47 9.41
N GLY A 248 17.01 11.27 8.83
CA GLY A 248 17.28 11.18 7.38
C GLY A 248 16.02 11.23 6.52
N ASP A 249 14.84 10.85 7.05
CA ASP A 249 13.64 10.56 6.23
C ASP A 249 12.43 10.57 7.18
N ALA A 250 11.42 11.39 6.91
CA ALA A 250 10.16 11.38 7.70
C ALA A 250 9.52 9.98 7.57
N GLY A 251 8.86 9.51 8.62
CA GLY A 251 8.13 8.24 8.54
C GLY A 251 6.64 8.46 8.85
N LEU A 252 5.80 7.60 8.31
CA LEU A 252 4.32 7.67 8.60
C LEU A 252 3.86 6.24 8.89
N THR A 253 2.78 6.06 9.65
CA THR A 253 2.07 4.78 9.83
C THR A 253 1.50 4.41 8.44
N GLY A 254 1.64 3.14 8.10
CA GLY A 254 0.90 2.49 7.01
C GLY A 254 1.57 2.75 5.67
N ARG A 255 2.87 2.97 5.67
CA ARG A 255 3.67 3.16 4.42
C ARG A 255 4.56 1.98 4.10
N LYS A 256 4.27 0.80 4.69
CA LYS A 256 5.07 -0.43 4.49
C LYS A 256 4.10 -1.61 4.32
N ILE A 257 2.99 -1.37 3.61
CA ILE A 257 1.84 -2.33 3.63
C ILE A 257 2.17 -3.58 2.84
N ILE A 258 3.08 -3.50 1.88
CA ILE A 258 3.49 -4.69 1.05
C ILE A 258 4.55 -5.47 1.85
N ILE A 259 5.45 -4.77 2.53
CA ILE A 259 6.40 -5.35 3.51
C ILE A 259 5.64 -6.01 4.67
N ASP A 260 4.55 -5.40 5.13
CA ASP A 260 3.66 -5.98 6.18
C ASP A 260 3.03 -7.32 5.72
N THR A 261 2.94 -7.60 4.42
CA THR A 261 2.06 -8.66 3.89
C THR A 261 2.90 -9.71 3.08
N TYR A 262 2.88 -9.66 1.76
CA TYR A 262 3.43 -10.77 0.94
C TYR A 262 4.55 -10.34 -0.03
N GLY A 263 5.10 -9.15 0.13
CA GLY A 263 6.23 -8.69 -0.70
C GLY A 263 5.93 -8.59 -2.19
N GLY A 264 4.71 -8.28 -2.57
CA GLY A 264 4.34 -8.04 -3.96
C GLY A 264 3.64 -9.26 -4.51
N TRP A 265 3.69 -10.37 -3.81
CA TRP A 265 2.94 -11.60 -4.20
C TRP A 265 1.47 -11.51 -3.74
N GLY A 266 0.61 -12.38 -4.27
CA GLY A 266 -0.84 -12.32 -4.03
C GLY A 266 -1.43 -10.99 -4.47
N ALA A 267 -1.91 -10.18 -3.52
CA ALA A 267 -2.53 -8.89 -3.82
C ALA A 267 -2.75 -8.17 -2.49
N HIS A 268 -3.06 -6.89 -2.59
CA HIS A 268 -3.30 -5.99 -1.48
C HIS A 268 -4.49 -5.10 -1.83
N GLY A 269 -5.42 -4.90 -0.88
CA GLY A 269 -6.64 -4.07 -1.02
C GLY A 269 -6.38 -2.64 -0.56
N GLY A 270 -5.21 -2.41 0.08
CA GLY A 270 -4.56 -1.10 0.25
C GLY A 270 -4.64 -0.59 1.67
N GLY A 271 -5.32 -1.31 2.55
CA GLY A 271 -5.49 -0.89 3.94
C GLY A 271 -4.25 -1.18 4.80
N ALA A 272 -3.86 -0.22 5.62
CA ALA A 272 -2.81 -0.37 6.64
C ALA A 272 -3.36 -1.12 7.84
N PHE A 273 -2.48 -1.72 8.62
CA PHE A 273 -2.88 -2.61 9.71
C PHE A 273 -2.69 -1.89 11.04
N SER A 274 -1.53 -1.27 11.16
CA SER A 274 -1.06 -0.77 12.48
C SER A 274 -1.93 0.38 13.01
N GLY A 275 -2.16 0.34 14.31
CA GLY A 275 -2.86 1.35 15.14
C GLY A 275 -4.35 1.14 15.13
N LYS A 276 -4.83 0.08 14.46
CA LYS A 276 -6.27 -0.25 14.31
C LYS A 276 -6.72 -1.42 15.21
N ASP A 277 -7.81 -1.20 15.97
CA ASP A 277 -8.58 -2.29 16.63
C ASP A 277 -9.25 -3.09 15.52
N PRO A 278 -9.74 -4.35 15.80
CA PRO A 278 -10.29 -5.24 14.78
C PRO A 278 -11.70 -5.03 14.23
N THR A 279 -12.38 -3.98 14.58
CA THR A 279 -13.56 -3.53 13.81
C THR A 279 -13.05 -2.97 12.48
N LYS A 280 -11.78 -2.58 12.46
CA LYS A 280 -11.14 -2.13 11.22
C LYS A 280 -10.83 -3.41 10.48
N VAL A 281 -11.72 -3.77 9.57
CA VAL A 281 -11.62 -4.98 8.71
C VAL A 281 -10.31 -4.93 7.88
N ASP A 282 -9.72 -3.77 7.62
CA ASP A 282 -8.39 -3.75 6.94
C ASP A 282 -7.46 -4.78 7.62
N ARG A 283 -7.54 -4.85 8.95
CA ARG A 283 -6.67 -5.75 9.76
C ARG A 283 -7.30 -7.12 10.06
N SER A 284 -8.52 -7.18 10.65
CA SER A 284 -9.08 -8.48 11.07
C SER A 284 -9.46 -9.24 9.80
N GLY A 285 -9.88 -8.52 8.76
CA GLY A 285 -10.22 -9.15 7.44
C GLY A 285 -9.00 -9.73 6.70
N ALA A 286 -7.93 -9.02 6.56
CA ALA A 286 -6.69 -9.54 5.96
C ALA A 286 -6.18 -10.78 6.77
N TYR A 287 -6.25 -10.73 8.11
CA TYR A 287 -5.77 -11.81 9.02
C TYR A 287 -6.58 -13.09 8.78
N ILE A 288 -7.89 -12.95 8.62
CA ILE A 288 -8.80 -14.10 8.41
CA ILE A 288 -8.75 -14.15 8.44
C ILE A 288 -8.57 -14.67 7.02
N VAL A 289 -8.38 -13.79 6.03
CA VAL A 289 -8.12 -14.34 4.65
C VAL A 289 -6.72 -14.94 4.53
N ARG A 290 -5.73 -14.47 5.26
CA ARG A 290 -4.44 -15.21 5.38
C ARG A 290 -4.73 -16.58 5.99
N GLN A 291 -5.48 -16.65 7.10
CA GLN A 291 -5.77 -17.96 7.76
C GLN A 291 -6.47 -18.91 6.78
N ALA A 292 -7.40 -18.36 6.01
CA ALA A 292 -8.14 -19.07 4.95
C ALA A 292 -7.19 -19.57 3.84
N ALA A 293 -6.42 -18.66 3.25
CA ALA A 293 -5.47 -19.01 2.18
C ALA A 293 -4.49 -20.04 2.79
N LYS A 294 -3.89 -19.75 3.96
CA LYS A 294 -2.93 -20.74 4.50
C LYS A 294 -3.62 -22.13 4.68
N SER A 295 -4.87 -22.20 5.16
CA SER A 295 -5.58 -23.46 5.54
C SER A 295 -5.79 -24.25 4.26
N VAL A 296 -6.05 -23.55 3.16
CA VAL A 296 -6.31 -24.22 1.85
C VAL A 296 -5.03 -24.93 1.39
N VAL A 297 -3.86 -24.27 1.52
CA VAL A 297 -2.55 -24.85 1.10
C VAL A 297 -2.14 -25.91 2.13
N ALA A 298 -2.31 -25.62 3.41
CA ALA A 298 -1.86 -26.50 4.52
C ALA A 298 -2.68 -27.80 4.49
N ASN A 299 -3.94 -27.75 4.10
CA ASN A 299 -4.77 -28.97 3.95
C ASN A 299 -4.39 -29.72 2.67
N GLY A 300 -3.55 -29.19 1.79
CA GLY A 300 -3.21 -29.85 0.50
C GLY A 300 -4.32 -29.75 -0.57
N MET A 301 -5.31 -28.90 -0.38
CA MET A 301 -6.35 -28.55 -1.42
C MET A 301 -5.71 -27.75 -2.60
N ALA A 302 -4.55 -27.12 -2.41
CA ALA A 302 -3.85 -26.43 -3.53
C ALA A 302 -2.41 -26.23 -3.15
N ARG A 303 -1.56 -25.82 -4.08
CA ARG A 303 -0.14 -25.47 -3.80
C ARG A 303 0.00 -23.96 -3.48
N ARG A 304 -0.91 -23.16 -4.05
CA ARG A 304 -0.95 -21.68 -3.87
C ARG A 304 -2.43 -21.26 -3.83
N ALA A 305 -2.74 -20.19 -3.10
CA ALA A 305 -4.14 -19.72 -3.01
C ALA A 305 -4.17 -18.23 -2.73
N LEU A 306 -5.09 -17.55 -3.40
CA LEU A 306 -5.38 -16.11 -3.19
C LEU A 306 -6.85 -16.06 -2.80
N VAL A 307 -7.16 -15.32 -1.76
CA VAL A 307 -8.55 -15.10 -1.27
C VAL A 307 -8.78 -13.58 -1.13
N GLN A 308 -9.88 -13.07 -1.73
CA GLN A 308 -10.35 -11.68 -1.54
C GLN A 308 -11.63 -11.69 -0.71
N VAL A 309 -11.73 -10.74 0.20
CA VAL A 309 -13.02 -10.39 0.85
C VAL A 309 -13.21 -8.85 0.70
N SER A 310 -14.44 -8.36 0.80
CA SER A 310 -14.80 -6.93 0.69
C SER A 310 -15.94 -6.63 1.62
N TYR A 311 -16.02 -5.40 2.07
CA TYR A 311 -16.95 -4.95 3.13
C TYR A 311 -17.54 -3.57 2.76
N ALA A 312 -18.71 -3.27 3.32
CA ALA A 312 -19.27 -1.92 3.43
C ALA A 312 -19.31 -1.54 4.91
N ILE A 313 -19.15 -0.27 5.23
CA ILE A 313 -19.27 0.19 6.64
C ILE A 313 -20.71 -0.09 7.11
N GLY A 314 -20.87 -0.53 8.37
CA GLY A 314 -22.18 -0.88 8.98
C GLY A 314 -22.77 -2.19 8.49
N VAL A 315 -22.15 -2.86 7.54
CA VAL A 315 -22.67 -4.17 7.12
C VAL A 315 -21.73 -5.27 7.62
N PRO A 316 -22.27 -6.26 8.37
CA PRO A 316 -21.47 -7.40 8.88
C PRO A 316 -20.97 -8.42 7.83
N GLU A 317 -21.90 -8.85 6.97
CA GLU A 317 -21.57 -9.82 5.90
C GLU A 317 -20.71 -9.15 4.82
N PRO A 318 -19.66 -9.84 4.34
CA PRO A 318 -18.82 -9.34 3.26
C PRO A 318 -19.67 -9.08 2.01
N LEU A 319 -19.22 -8.15 1.17
CA LEU A 319 -19.92 -7.87 -0.09
C LEU A 319 -19.49 -8.90 -1.15
N SER A 320 -18.26 -9.44 -1.08
CA SER A 320 -17.81 -10.41 -2.10
C SER A 320 -16.78 -11.31 -1.43
N VAL A 321 -16.63 -12.51 -1.97
CA VAL A 321 -15.51 -13.40 -1.62
C VAL A 321 -15.06 -14.07 -2.90
N PHE A 322 -13.73 -14.22 -3.08
CA PHE A 322 -13.06 -14.82 -4.26
CA PHE A 322 -13.25 -15.06 -4.21
C PHE A 322 -12.04 -15.83 -3.73
N VAL A 323 -11.89 -16.98 -4.36
CA VAL A 323 -10.72 -17.87 -4.18
C VAL A 323 -10.16 -18.14 -5.55
N ASP A 324 -8.85 -17.96 -5.69
CA ASP A 324 -8.13 -18.46 -6.89
C ASP A 324 -6.90 -19.28 -6.47
N THR A 325 -6.62 -20.41 -7.13
CA THR A 325 -5.51 -21.31 -6.75
C THR A 325 -4.48 -21.33 -7.86
N TYR A 326 -4.53 -20.38 -8.79
CA TYR A 326 -3.50 -20.22 -9.85
C TYR A 326 -3.35 -21.52 -10.68
N GLY A 327 -4.41 -22.35 -10.75
CA GLY A 327 -4.40 -23.63 -11.51
C GLY A 327 -3.83 -24.77 -10.68
N THR A 328 -3.61 -24.61 -9.39
CA THR A 328 -2.89 -25.65 -8.62
C THR A 328 -3.85 -26.40 -7.69
N GLY A 329 -5.10 -25.97 -7.60
CA GLY A 329 -6.10 -26.59 -6.70
C GLY A 329 -6.44 -28.00 -7.14
N LEU A 330 -6.58 -28.93 -6.20
CA LEU A 330 -6.85 -30.36 -6.52
C LEU A 330 -8.35 -30.58 -6.62
N ILE A 331 -9.16 -29.61 -6.19
CA ILE A 331 -10.62 -29.57 -6.49
C ILE A 331 -10.90 -28.24 -7.16
N PRO A 332 -12.09 -28.05 -7.79
CA PRO A 332 -12.35 -26.82 -8.51
C PRO A 332 -12.40 -25.60 -7.58
N ASP A 333 -11.98 -24.43 -8.05
CA ASP A 333 -11.87 -23.23 -7.18
C ASP A 333 -13.25 -22.92 -6.59
N LYS A 334 -14.34 -23.12 -7.33
CA LYS A 334 -15.69 -22.79 -6.77
C LYS A 334 -16.06 -23.73 -5.58
N GLU A 335 -15.55 -24.95 -5.51
CA GLU A 335 -15.84 -25.82 -4.34
C GLU A 335 -14.96 -25.36 -3.17
N ILE A 336 -13.70 -24.95 -3.45
CA ILE A 336 -12.84 -24.29 -2.41
C ILE A 336 -13.57 -23.05 -1.89
N LEU A 337 -14.17 -22.26 -2.78
CA LEU A 337 -14.91 -21.07 -2.31
C LEU A 337 -16.04 -21.52 -1.37
N LYS A 338 -16.79 -22.57 -1.72
CA LYS A 338 -17.92 -22.98 -0.88
C LYS A 338 -17.39 -23.47 0.47
N ILE A 339 -16.27 -24.18 0.50
CA ILE A 339 -15.69 -24.76 1.75
C ILE A 339 -15.15 -23.66 2.63
N VAL A 340 -14.45 -22.73 2.04
CA VAL A 340 -13.98 -21.52 2.78
C VAL A 340 -15.18 -20.74 3.33
N LYS A 341 -16.26 -20.51 2.55
CA LYS A 341 -17.45 -19.75 3.06
C LYS A 341 -18.14 -20.50 4.21
N GLU A 342 -18.17 -21.83 4.11
CA GLU A 342 -18.75 -22.66 5.20
C GLU A 342 -17.87 -22.64 6.46
N THR A 343 -16.55 -22.51 6.32
CA THR A 343 -15.54 -22.79 7.38
C THR A 343 -15.19 -21.48 8.13
N PHE A 344 -15.11 -20.30 7.47
CA PHE A 344 -14.66 -19.04 8.14
C PHE A 344 -15.82 -18.07 8.28
N ASP A 345 -15.94 -17.40 9.41
CA ASP A 345 -16.98 -16.36 9.61
C ASP A 345 -16.33 -15.00 9.34
N PHE A 346 -16.66 -14.40 8.20
CA PHE A 346 -16.12 -13.08 7.79
C PHE A 346 -16.83 -11.90 8.46
N ARG A 347 -17.77 -12.14 9.37
CA ARG A 347 -18.43 -11.00 10.07
C ARG A 347 -17.42 -10.44 11.05
N PRO A 348 -17.20 -9.10 11.05
CA PRO A 348 -16.17 -8.48 11.89
C PRO A 348 -16.25 -8.83 13.38
N GLY A 349 -17.46 -8.88 13.93
CA GLY A 349 -17.60 -9.16 15.39
C GLY A 349 -17.22 -10.61 15.70
N MET A 350 -17.38 -11.50 14.73
CA MET A 350 -17.05 -12.92 14.90
C MET A 350 -15.53 -13.09 14.75
N MET A 351 -14.93 -12.48 13.72
CA MET A 351 -13.47 -12.56 13.40
C MET A 351 -12.69 -12.10 14.63
N THR A 352 -13.15 -11.06 15.30
CA THR A 352 -12.49 -10.51 16.49
C THR A 352 -12.38 -11.64 17.50
N ILE A 353 -13.46 -12.39 17.70
CA ILE A 353 -13.55 -13.36 18.81
C ILE A 353 -12.79 -14.60 18.36
N ASN A 354 -13.04 -15.09 17.13
CA ASN A 354 -12.40 -16.33 16.64
C ASN A 354 -10.86 -16.20 16.72
N LEU A 355 -10.29 -15.01 16.57
CA LEU A 355 -8.85 -14.75 16.52
C LEU A 355 -8.37 -14.03 17.80
N ASP A 356 -9.25 -13.82 18.77
CA ASP A 356 -8.84 -13.23 20.06
C ASP A 356 -8.03 -11.94 19.78
N LEU A 357 -8.56 -11.00 19.00
CA LEU A 357 -7.85 -9.75 18.58
C LEU A 357 -8.10 -8.58 19.55
N LYS A 358 -8.86 -8.80 20.62
CA LYS A 358 -9.17 -7.71 21.60
C LYS A 358 -8.19 -7.82 22.76
N ARG A 359 -7.30 -8.79 22.73
CA ARG A 359 -6.16 -8.89 23.69
C ARG A 359 -4.96 -7.97 23.29
N GLY A 360 -4.62 -7.00 24.15
CA GLY A 360 -3.38 -6.18 24.04
C GLY A 360 -2.32 -6.59 25.03
N GLY A 361 -1.35 -5.73 25.32
CA GLY A 361 -0.35 -6.07 26.36
C GLY A 361 0.69 -7.05 25.87
N ASN A 362 1.74 -7.30 26.67
CA ASN A 362 2.87 -8.16 26.24
C ASN A 362 3.24 -7.87 24.77
N GLY A 363 3.03 -6.62 24.31
CA GLY A 363 3.37 -6.19 22.95
C GLY A 363 2.70 -7.06 21.89
N ARG A 364 1.47 -7.55 22.14
CA ARG A 364 0.84 -8.48 21.17
C ARG A 364 0.89 -7.89 19.73
N PHE A 365 0.27 -6.74 19.50
CA PHE A 365 0.25 -6.15 18.13
C PHE A 365 1.60 -5.49 17.73
N GLN A 366 2.31 -4.86 18.70
CA GLN A 366 3.61 -4.17 18.47
C GLN A 366 4.61 -5.14 17.83
N LYS A 367 4.58 -6.39 18.24
CA LYS A 367 5.37 -7.47 17.60
C LYS A 367 4.96 -7.64 16.16
N THR A 368 3.75 -7.24 15.77
CA THR A 368 3.26 -7.51 14.35
C THR A 368 3.77 -6.41 13.39
N ALA A 369 4.21 -5.32 13.97
CA ALA A 369 4.43 -4.02 13.32
C ALA A 369 5.87 -3.89 12.77
N ALA A 370 6.76 -4.85 13.05
CA ALA A 370 8.00 -5.11 12.28
C ALA A 370 8.11 -6.59 11.92
N TYR A 371 8.84 -6.85 10.87
CA TYR A 371 9.18 -8.21 10.33
C TYR A 371 7.95 -8.94 9.81
N GLY A 372 6.85 -8.22 9.57
CA GLY A 372 5.64 -8.75 8.89
C GLY A 372 4.64 -9.40 9.80
N HIS A 373 3.40 -9.38 9.33
CA HIS A 373 2.19 -9.76 10.03
C HIS A 373 1.96 -11.26 9.84
N PHE A 374 2.60 -11.86 8.81
CA PHE A 374 2.30 -13.22 8.30
C PHE A 374 3.57 -14.09 8.28
N GLY A 375 3.40 -15.42 8.35
CA GLY A 375 4.48 -16.44 8.33
C GLY A 375 5.24 -16.51 9.64
N ARG A 376 4.66 -16.07 10.74
CA ARG A 376 5.39 -15.93 12.03
C ARG A 376 4.86 -16.99 13.01
N ASP A 377 5.68 -17.55 13.87
CA ASP A 377 5.29 -18.77 14.64
C ASP A 377 4.81 -18.44 16.07
N ASP A 378 5.04 -17.23 16.56
CA ASP A 378 4.54 -16.72 17.86
C ASP A 378 3.03 -17.01 18.03
N PRO A 379 2.59 -17.63 19.16
CA PRO A 379 1.18 -18.01 19.32
C PRO A 379 0.20 -16.82 19.39
N ASP A 380 0.73 -15.63 19.57
CA ASP A 380 -0.08 -14.38 19.47
C ASP A 380 -0.52 -14.17 18.03
N PHE A 381 0.14 -14.77 17.06
CA PHE A 381 -0.29 -14.65 15.64
C PHE A 381 -1.31 -15.74 15.35
N THR A 382 -2.53 -15.53 15.80
CA THR A 382 -3.59 -16.54 15.93
C THR A 382 -4.09 -16.86 14.56
N TRP A 383 -3.89 -15.95 13.62
CA TRP A 383 -4.36 -16.17 12.21
C TRP A 383 -3.40 -17.08 11.47
N GLU A 384 -2.28 -17.44 12.11
CA GLU A 384 -1.31 -18.41 11.54
C GLU A 384 -1.75 -19.85 11.83
N VAL A 385 -2.74 -20.10 12.67
CA VAL A 385 -3.17 -21.47 13.06
C VAL A 385 -4.02 -22.06 11.90
N VAL A 386 -3.61 -23.20 11.37
CA VAL A 386 -4.30 -23.85 10.23
C VAL A 386 -5.61 -24.47 10.71
N LYS A 387 -6.68 -24.28 9.94
CA LYS A 387 -7.98 -24.91 10.22
C LYS A 387 -8.14 -26.16 9.36
N PRO A 388 -8.54 -27.30 9.97
CA PRO A 388 -9.01 -28.46 9.23
C PRO A 388 -10.12 -27.99 8.28
N LEU A 389 -10.11 -28.51 7.04
CA LEU A 389 -11.11 -28.30 5.97
C LEU A 389 -11.67 -29.66 5.59
N LYS A 390 -12.97 -29.77 5.37
CA LYS A 390 -13.63 -31.02 4.91
C LYS A 390 -13.67 -31.05 3.37
N TRP A 391 -13.17 -32.14 2.77
CA TRP A 391 -13.15 -32.47 1.30
C TRP A 391 -12.68 -33.92 1.07
N ASP A 392 -13.00 -34.52 -0.09
CA ASP A 392 -12.45 -35.80 -0.63
C ASP A 392 -11.17 -35.57 -1.49
N LYS A 393 -10.05 -36.15 -1.06
CA LYS A 393 -8.72 -35.96 -1.70
C LYS A 393 -8.66 -36.94 -2.87
N PRO A 394 -8.30 -36.50 -4.12
CA PRO A 394 -8.35 -37.39 -5.30
C PRO A 394 -7.69 -38.76 -5.05
N GLN A 395 -6.63 -38.78 -4.23
CA GLN A 395 -5.63 -39.88 -4.04
C GLN A 395 -6.22 -40.99 -3.14
N LEU A 396 -7.36 -40.75 -2.47
CA LEU A 396 -7.88 -41.64 -1.40
C LEU A 396 -9.23 -42.26 -1.81
N ASN A 397 -9.49 -43.47 -1.34
CA ASN A 397 -10.83 -44.12 -1.24
C ASN A 397 -10.98 -44.64 0.21
N ALA B 3 -24.06 -23.33 -17.60
CA ALA B 3 -23.85 -22.15 -16.70
C ALA B 3 -22.39 -21.69 -16.87
N MET B 4 -22.21 -20.41 -17.23
CA MET B 4 -20.88 -19.77 -17.40
C MET B 4 -20.23 -19.60 -16.01
N GLU B 5 -19.00 -20.10 -15.78
CA GLU B 5 -18.25 -19.94 -14.50
C GLU B 5 -17.77 -18.48 -14.35
N THR B 6 -17.98 -17.88 -13.18
CA THR B 6 -17.61 -16.48 -12.94
C THR B 6 -17.01 -16.35 -11.53
N PHE B 7 -16.36 -15.22 -11.25
CA PHE B 7 -15.87 -14.91 -9.90
C PHE B 7 -16.17 -13.44 -9.64
N LEU B 8 -16.16 -13.01 -8.39
CA LEU B 8 -16.42 -11.61 -8.00
C LEU B 8 -15.09 -10.98 -7.61
N PHE B 9 -14.81 -9.78 -8.15
CA PHE B 9 -13.61 -8.98 -7.83
C PHE B 9 -14.06 -7.55 -7.51
N THR B 10 -13.55 -7.05 -6.39
CA THR B 10 -13.95 -5.76 -5.81
C THR B 10 -12.75 -4.79 -5.75
N SER B 11 -12.96 -3.59 -6.31
CA SER B 11 -12.07 -2.41 -6.23
C SER B 11 -12.85 -1.27 -5.59
N GLU B 12 -12.14 -0.40 -4.85
CA GLU B 12 -12.78 0.81 -4.31
C GLU B 12 -12.10 2.05 -4.90
N SER B 13 -12.66 3.21 -4.60
CA SER B 13 -12.00 4.51 -4.82
C SER B 13 -12.46 5.47 -3.74
N VAL B 14 -11.75 6.57 -3.62
CA VAL B 14 -12.17 7.76 -2.82
C VAL B 14 -12.04 8.99 -3.70
N ASN B 15 -12.80 10.04 -3.40
CA ASN B 15 -12.79 11.31 -4.17
C ASN B 15 -11.80 12.27 -3.53
N GLU B 16 -11.70 13.47 -4.06
CA GLU B 16 -10.60 14.40 -3.73
C GLU B 16 -10.80 14.94 -2.32
N GLY B 17 -11.99 14.77 -1.73
CA GLY B 17 -12.25 15.27 -0.36
C GLY B 17 -11.97 14.22 0.69
N HIS B 18 -11.67 12.95 0.34
CA HIS B 18 -11.18 11.97 1.32
C HIS B 18 -9.95 12.52 2.04
N PRO B 19 -9.83 12.49 3.39
CA PRO B 19 -8.70 13.14 4.05
C PRO B 19 -7.33 12.52 3.66
N ASP B 20 -7.22 11.22 3.44
CA ASP B 20 -5.98 10.65 2.86
C ASP B 20 -5.71 11.27 1.48
N LYS B 21 -6.74 11.50 0.69
CA LYS B 21 -6.47 11.95 -0.72
C LYS B 21 -6.15 13.43 -0.68
N LEU B 22 -6.73 14.15 0.28
CA LEU B 22 -6.38 15.58 0.49
C LEU B 22 -4.87 15.79 0.65
N CYS B 23 -4.30 15.06 1.59
CA CYS B 23 -2.86 14.86 1.83
C CYS B 23 -2.09 14.57 0.55
N ASP B 24 -2.53 13.65 -0.31
CA ASP B 24 -1.83 13.33 -1.59
C ASP B 24 -1.83 14.61 -2.45
N GLN B 25 -2.93 15.35 -2.49
CA GLN B 25 -3.08 16.53 -3.38
C GLN B 25 -2.27 17.69 -2.78
N ILE B 26 -2.30 17.89 -1.46
CA ILE B 26 -1.34 18.88 -0.84
C ILE B 26 0.10 18.44 -1.20
N SER B 27 0.48 17.19 -0.95
CA SER B 27 1.89 16.77 -1.18
C SER B 27 2.31 17.20 -2.59
N ASP B 28 1.48 16.84 -3.58
CA ASP B 28 1.74 17.03 -5.06
C ASP B 28 1.54 18.51 -5.47
N ALA B 29 0.81 19.33 -4.71
CA ALA B 29 0.75 20.81 -4.89
C ALA B 29 2.10 21.43 -4.51
N VAL B 30 2.72 20.89 -3.46
CA VAL B 30 4.03 21.37 -3.01
C VAL B 30 5.04 21.04 -4.11
N LEU B 31 5.06 19.79 -4.59
CA LEU B 31 5.94 19.34 -5.69
C LEU B 31 5.76 20.31 -6.87
N ASP B 32 4.50 20.62 -7.23
CA ASP B 32 4.19 21.45 -8.45
C ASP B 32 4.89 22.80 -8.25
N ALA B 33 4.64 23.42 -7.11
CA ALA B 33 5.15 24.77 -6.81
C ALA B 33 6.67 24.76 -6.97
N CYS B 34 7.33 23.71 -6.46
CA CYS B 34 8.81 23.52 -6.45
C CYS B 34 9.30 23.36 -7.90
N LEU B 35 8.70 22.50 -8.71
CA LEU B 35 9.16 22.21 -10.11
C LEU B 35 8.91 23.39 -11.05
N GLU B 36 7.92 24.22 -10.73
CA GLU B 36 7.54 25.38 -11.55
C GLU B 36 8.65 26.43 -11.42
N GLN B 37 9.20 26.66 -10.22
CA GLN B 37 10.37 27.57 -10.01
C GLN B 37 11.70 26.83 -10.26
N ASP B 38 11.89 25.58 -9.81
CA ASP B 38 13.18 24.82 -9.91
C ASP B 38 12.92 23.36 -10.31
N PRO B 39 13.02 23.00 -11.62
CA PRO B 39 12.82 21.62 -12.05
C PRO B 39 13.79 20.57 -11.47
N ASP B 40 14.95 20.99 -10.98
CA ASP B 40 15.88 20.04 -10.36
C ASP B 40 15.52 19.86 -8.89
N SER B 41 14.40 20.42 -8.44
CA SER B 41 13.91 20.30 -7.05
C SER B 41 13.95 18.82 -6.62
N LYS B 42 14.62 18.52 -5.52
CA LYS B 42 14.49 17.22 -4.82
C LYS B 42 13.40 17.39 -3.74
N VAL B 43 12.33 16.60 -3.86
CA VAL B 43 11.10 16.75 -3.04
C VAL B 43 10.66 15.37 -2.56
N ALA B 44 10.47 15.29 -1.24
CA ALA B 44 9.84 14.19 -0.49
C ALA B 44 8.93 14.82 0.56
N CYS B 45 7.83 15.36 0.08
CA CYS B 45 6.92 16.17 0.89
C CYS B 45 5.79 15.29 1.39
N GLU B 46 5.76 15.07 2.70
CA GLU B 46 4.71 14.27 3.36
C GLU B 46 3.69 15.24 3.94
N THR B 47 2.40 14.86 3.93
CA THR B 47 1.29 15.62 4.56
C THR B 47 0.47 14.72 5.50
N CYS B 48 0.05 15.24 6.64
CA CYS B 48 -1.00 14.60 7.48
C CYS B 48 -1.95 15.70 8.01
N THR B 49 -3.10 15.26 8.48
CA THR B 49 -4.23 16.15 8.79
C THR B 49 -5.09 15.47 9.84
N LYS B 50 -5.59 16.28 10.74
CA LYS B 50 -6.65 15.94 11.70
C LYS B 50 -7.45 17.22 11.94
N THR B 51 -8.44 17.16 12.82
CA THR B 51 -9.34 18.27 13.17
C THR B 51 -8.53 19.54 13.31
N ASN B 52 -8.80 20.43 12.35
CA ASN B 52 -8.36 21.83 12.35
C ASN B 52 -6.84 21.93 12.24
N MET B 53 -6.22 21.00 11.51
CA MET B 53 -4.76 20.82 11.55
C MET B 53 -4.27 20.14 10.26
N VAL B 54 -3.33 20.77 9.57
CA VAL B 54 -2.55 20.15 8.48
C VAL B 54 -1.07 20.33 8.79
N MET B 55 -0.28 19.26 8.59
CA MET B 55 1.19 19.39 8.76
C MET B 55 1.87 18.98 7.47
N VAL B 56 2.79 19.78 6.97
CA VAL B 56 3.67 19.36 5.86
C VAL B 56 5.05 19.10 6.45
N PHE B 57 5.70 17.99 6.06
CA PHE B 57 6.98 17.54 6.62
C PHE B 57 7.75 16.66 5.64
N GLY B 58 9.04 16.46 5.89
CA GLY B 58 9.90 15.69 4.97
C GLY B 58 10.99 16.61 4.46
N GLU B 59 11.48 16.36 3.26
CA GLU B 59 12.82 16.81 2.80
C GLU B 59 12.64 17.49 1.43
N ILE B 60 12.93 18.78 1.35
CA ILE B 60 12.96 19.57 0.10
C ILE B 60 14.32 20.28 -0.02
N THR B 61 15.02 20.02 -1.11
CA THR B 61 16.13 20.87 -1.60
C THR B 61 15.67 21.53 -2.93
N THR B 62 15.42 22.84 -2.92
CA THR B 62 14.89 23.61 -4.08
C THR B 62 15.48 25.03 -4.02
N LYS B 63 15.66 25.66 -5.16
CA LYS B 63 15.99 27.10 -5.25
C LYS B 63 14.70 27.88 -5.15
N ALA B 64 13.55 27.22 -5.23
CA ALA B 64 12.22 27.86 -5.29
C ALA B 64 11.96 28.66 -4.02
N THR B 65 11.19 29.73 -4.15
CA THR B 65 10.63 30.49 -3.01
C THR B 65 9.17 30.09 -2.85
N ILE B 66 8.90 29.33 -1.80
CA ILE B 66 7.62 28.57 -1.65
C ILE B 66 6.88 29.12 -0.43
N ASP B 67 5.59 29.41 -0.55
CA ASP B 67 4.68 29.66 0.60
C ASP B 67 3.91 28.37 0.92
N TYR B 68 4.46 27.47 1.73
CA TYR B 68 3.86 26.14 2.00
C TYR B 68 2.42 26.36 2.52
N GLU B 69 2.26 27.37 3.37
CA GLU B 69 1.01 27.62 4.16
C GLU B 69 -0.12 28.00 3.20
N LYS B 70 0.19 28.84 2.24
CA LYS B 70 -0.76 29.23 1.17
C LYS B 70 -1.05 28.03 0.24
N ILE B 71 -0.07 27.16 -0.03
CA ILE B 71 -0.32 25.98 -0.92
C ILE B 71 -1.32 25.06 -0.22
N VAL B 72 -1.13 24.82 1.06
CA VAL B 72 -2.08 23.99 1.85
C VAL B 72 -3.48 24.58 1.74
N ARG B 73 -3.63 25.85 2.11
CA ARG B 73 -4.94 26.53 2.18
C ARG B 73 -5.64 26.54 0.81
N ASP B 74 -4.91 26.87 -0.26
CA ASP B 74 -5.45 26.93 -1.63
C ASP B 74 -5.87 25.51 -2.02
N THR B 75 -5.15 24.48 -1.61
CA THR B 75 -5.52 23.10 -2.01
C THR B 75 -6.81 22.72 -1.26
N CYS B 76 -6.89 22.97 0.04
CA CYS B 76 -8.09 22.70 0.89
C CYS B 76 -9.30 23.47 0.33
N ARG B 77 -9.08 24.67 -0.16
CA ARG B 77 -10.16 25.56 -0.65
C ARG B 77 -10.72 24.99 -1.94
N SER B 78 -9.89 24.66 -2.92
CA SER B 78 -10.43 24.31 -4.26
C SER B 78 -11.22 22.99 -4.12
N ILE B 79 -10.80 22.08 -3.25
CA ILE B 79 -11.52 20.83 -2.87
C ILE B 79 -12.88 21.15 -2.22
N GLY B 80 -13.00 22.30 -1.54
CA GLY B 80 -14.22 22.63 -0.80
C GLY B 80 -14.12 22.54 0.72
N PHE B 81 -12.95 22.40 1.36
CA PHE B 81 -12.93 22.50 2.85
C PHE B 81 -12.86 23.97 3.27
N ILE B 82 -14.02 24.61 3.38
CA ILE B 82 -14.12 26.08 3.60
C ILE B 82 -14.94 26.39 4.86
N SER B 83 -15.29 25.39 5.66
CA SER B 83 -15.93 25.63 6.98
C SER B 83 -15.70 24.44 7.91
N ASP B 84 -15.71 24.66 9.21
CA ASP B 84 -15.71 23.54 10.19
C ASP B 84 -16.91 22.61 9.90
N ASP B 85 -17.99 23.11 9.29
CA ASP B 85 -19.22 22.30 9.05
C ASP B 85 -18.96 21.21 8.02
N VAL B 86 -17.98 21.35 7.15
CA VAL B 86 -17.68 20.32 6.12
C VAL B 86 -16.39 19.58 6.50
N GLY B 87 -15.85 19.79 7.69
CA GLY B 87 -14.79 18.92 8.27
C GLY B 87 -13.41 19.55 8.31
N LEU B 88 -13.20 20.72 7.71
CA LEU B 88 -11.96 21.53 7.84
C LEU B 88 -12.22 22.90 7.20
N ASP B 89 -11.69 23.96 7.80
CA ASP B 89 -11.79 25.34 7.24
C ASP B 89 -10.39 25.74 6.74
N ALA B 90 -10.28 26.00 5.45
CA ALA B 90 -8.99 26.22 4.77
C ALA B 90 -8.28 27.43 5.38
N ASP B 91 -9.04 28.37 5.90
CA ASP B 91 -8.59 29.69 6.41
C ASP B 91 -8.34 29.67 7.92
N LYS B 92 -9.08 28.86 8.68
CA LYS B 92 -8.94 28.76 10.16
C LYS B 92 -7.83 27.77 10.55
N CYS B 93 -7.59 26.72 9.78
CA CYS B 93 -6.89 25.54 10.37
C CYS B 93 -5.43 25.89 10.67
N LYS B 94 -4.86 25.18 11.63
CA LYS B 94 -3.43 25.32 11.96
C LYS B 94 -2.65 24.55 10.89
N VAL B 95 -1.66 25.23 10.29
CA VAL B 95 -0.71 24.64 9.31
C VAL B 95 0.67 24.59 9.95
N LEU B 96 1.13 23.37 10.24
CA LEU B 96 2.46 23.04 10.78
C LEU B 96 3.40 22.71 9.63
N VAL B 97 4.68 23.11 9.72
CA VAL B 97 5.71 22.79 8.69
C VAL B 97 6.94 22.19 9.40
N ASN B 98 7.34 20.95 9.11
CA ASN B 98 8.63 20.37 9.59
C ASN B 98 9.36 19.89 8.34
N ILE B 99 9.67 20.84 7.47
CA ILE B 99 10.33 20.48 6.19
C ILE B 99 11.78 20.95 6.26
N GLU B 100 12.70 20.08 5.87
CA GLU B 100 14.15 20.39 5.86
C GLU B 100 14.82 19.81 4.62
N GLN B 101 16.12 20.05 4.49
CA GLN B 101 16.88 19.66 3.28
C GLN B 101 17.14 18.16 3.32
N GLN B 102 17.22 17.58 2.12
CA GLN B 102 17.53 16.15 1.88
C GLN B 102 18.86 15.77 2.57
N SER B 103 18.91 14.58 3.20
CA SER B 103 20.15 14.06 3.84
C SER B 103 21.31 14.12 2.83
N PRO B 104 22.44 14.76 3.20
CA PRO B 104 23.61 14.83 2.30
C PRO B 104 24.17 13.42 1.97
N ASP B 105 23.95 12.44 2.85
CA ASP B 105 24.37 11.03 2.64
C ASP B 105 23.53 10.45 1.49
N ILE B 106 22.23 10.78 1.46
CA ILE B 106 21.39 10.38 0.29
C ILE B 106 21.83 11.19 -0.94
N ALA B 107 21.89 12.52 -0.80
CA ALA B 107 22.15 13.44 -1.93
C ALA B 107 23.49 13.09 -2.60
N GLN B 108 24.56 12.76 -1.86
CA GLN B 108 25.87 12.39 -2.52
C GLN B 108 25.71 11.12 -3.37
N GLY B 109 25.07 10.08 -2.81
CA GLY B 109 24.91 8.74 -3.41
C GLY B 109 23.95 8.77 -4.59
N VAL B 110 22.88 9.57 -4.49
CA VAL B 110 21.80 9.68 -5.51
C VAL B 110 22.23 10.51 -6.74
N HIS B 111 22.62 11.76 -6.52
CA HIS B 111 22.80 12.77 -7.61
C HIS B 111 24.18 13.45 -7.51
N GLY B 112 25.04 13.04 -6.59
CA GLY B 112 26.37 13.66 -6.35
C GLY B 112 26.22 15.14 -6.09
N HIS B 113 25.23 15.50 -5.23
CA HIS B 113 24.78 16.90 -4.97
C HIS B 113 24.66 17.59 -6.34
N PHE B 114 23.76 17.13 -7.21
CA PHE B 114 23.39 17.86 -8.45
C PHE B 114 24.58 17.87 -9.41
N THR B 115 25.54 16.95 -9.31
CA THR B 115 26.68 16.88 -10.27
C THR B 115 26.56 15.66 -11.23
N LYS B 116 25.71 14.66 -10.99
CA LYS B 116 25.71 13.45 -11.83
C LYS B 116 24.84 13.69 -13.09
N ARG B 117 25.39 13.32 -14.26
CA ARG B 117 24.69 13.33 -15.59
C ARG B 117 23.56 12.30 -15.62
N PRO B 118 22.54 12.51 -16.49
CA PRO B 118 21.37 11.62 -16.50
C PRO B 118 21.61 10.09 -16.53
N GLU B 119 22.45 9.59 -17.38
CA GLU B 119 22.58 8.12 -17.47
C GLU B 119 23.28 7.58 -16.20
N ASP B 120 23.86 8.43 -15.36
CA ASP B 120 24.72 7.96 -14.25
C ASP B 120 23.93 8.18 -12.99
N ILE B 121 22.74 8.79 -13.10
CA ILE B 121 21.91 9.18 -11.92
C ILE B 121 21.52 7.90 -11.19
N GLY B 122 21.73 7.89 -9.87
CA GLY B 122 21.38 6.77 -8.99
C GLY B 122 19.88 6.72 -8.75
N ALA B 123 19.31 5.53 -8.57
CA ALA B 123 17.96 5.44 -7.95
C ALA B 123 18.01 6.17 -6.60
N GLY B 124 16.97 6.92 -6.29
CA GLY B 124 16.89 7.67 -5.03
C GLY B 124 16.59 6.72 -3.88
N ASP B 125 16.31 5.43 -4.17
CA ASP B 125 15.98 4.43 -3.14
C ASP B 125 16.03 3.03 -3.73
N GLN B 126 16.06 2.04 -2.87
CA GLN B 126 15.66 0.70 -3.35
C GLN B 126 14.13 0.60 -3.39
N GLY B 127 13.62 -0.43 -4.06
CA GLY B 127 12.21 -0.83 -4.01
C GLY B 127 11.89 -1.66 -5.26
N HIS B 128 10.64 -1.99 -5.45
CA HIS B 128 10.19 -2.64 -6.68
C HIS B 128 8.83 -2.04 -6.97
N MET B 129 8.41 -2.20 -8.22
CA MET B 129 7.33 -1.40 -8.84
C MET B 129 6.73 -2.30 -9.92
N PHE B 130 5.40 -2.28 -10.00
CA PHE B 130 4.63 -3.07 -10.99
C PHE B 130 3.82 -2.13 -11.86
N GLY B 131 3.74 -2.53 -13.12
CA GLY B 131 2.90 -1.96 -14.18
C GLY B 131 2.02 -3.04 -14.72
N TYR B 132 0.78 -2.70 -14.96
CA TYR B 132 -0.29 -3.62 -15.45
C TYR B 132 -1.08 -2.97 -16.59
N ALA B 133 -1.68 -3.83 -17.40
CA ALA B 133 -2.63 -3.39 -18.44
C ALA B 133 -3.50 -4.59 -18.79
N THR B 134 -4.72 -4.34 -19.24
CA THR B 134 -5.72 -5.37 -19.58
C THR B 134 -6.61 -4.77 -20.66
N ASP B 135 -6.93 -5.54 -21.70
CA ASP B 135 -7.78 -5.07 -22.82
C ASP B 135 -9.28 -4.96 -22.45
N GLU B 136 -9.68 -5.05 -21.17
CA GLU B 136 -11.13 -5.14 -20.85
C GLU B 136 -11.83 -3.78 -20.93
N THR B 137 -11.09 -2.66 -20.89
CA THR B 137 -11.66 -1.31 -21.12
C THR B 137 -10.82 -0.63 -22.16
N PRO B 138 -11.32 0.43 -22.82
CA PRO B 138 -10.49 1.16 -23.79
C PRO B 138 -9.22 1.81 -23.21
N GLU B 139 -9.22 2.22 -21.95
CA GLU B 139 -8.03 2.81 -21.28
C GLU B 139 -7.07 1.72 -20.78
N LEU B 140 -7.36 0.44 -21.11
CA LEU B 140 -6.54 -0.74 -20.74
C LEU B 140 -6.35 -0.83 -19.21
N MET B 141 -7.36 -0.42 -18.44
CA MET B 141 -7.52 -0.64 -16.96
C MET B 141 -8.64 -1.62 -16.60
N PRO B 142 -8.49 -2.22 -15.41
CA PRO B 142 -9.47 -3.22 -14.96
C PRO B 142 -10.81 -2.51 -14.65
N LEU B 143 -11.92 -3.04 -15.16
CA LEU B 143 -13.22 -2.33 -15.04
C LEU B 143 -13.59 -2.06 -13.58
N SER B 144 -13.33 -2.99 -12.65
CA SER B 144 -13.63 -2.80 -11.21
C SER B 144 -13.03 -1.47 -10.74
N HIS B 145 -11.78 -1.19 -11.12
CA HIS B 145 -11.06 0.01 -10.68
C HIS B 145 -11.61 1.28 -11.34
N VAL B 146 -11.81 1.22 -12.62
CA VAL B 146 -12.34 2.31 -13.48
C VAL B 146 -13.74 2.75 -13.00
N LEU B 147 -14.66 1.81 -12.80
CA LEU B 147 -16.03 2.19 -12.38
C LEU B 147 -15.93 2.82 -10.99
N ALA B 148 -15.21 2.22 -10.03
CA ALA B 148 -15.14 2.80 -8.67
C ALA B 148 -14.60 4.23 -8.79
N THR B 149 -13.56 4.39 -9.57
CA THR B 149 -12.85 5.69 -9.74
C THR B 149 -13.76 6.74 -10.43
N LYS B 150 -14.39 6.37 -11.54
CA LYS B 150 -15.24 7.30 -12.30
C LYS B 150 -16.54 7.60 -11.53
N ILE B 151 -17.08 6.68 -10.72
CA ILE B 151 -18.25 7.01 -9.87
C ILE B 151 -17.78 8.05 -8.82
N GLY B 152 -16.58 7.94 -8.27
CA GLY B 152 -16.12 8.92 -7.25
C GLY B 152 -15.91 10.30 -7.86
N ALA B 153 -15.42 10.37 -9.08
CA ALA B 153 -15.18 11.66 -9.78
C ALA B 153 -16.53 12.26 -10.15
N ARG B 154 -17.53 11.45 -10.52
CA ARG B 154 -18.88 11.99 -10.77
C ARG B 154 -19.47 12.54 -9.47
N LEU B 155 -19.31 11.82 -8.34
CA LEU B 155 -19.76 12.27 -6.98
C LEU B 155 -19.23 13.67 -6.69
N THR B 156 -17.97 13.90 -6.96
CA THR B 156 -17.38 15.26 -6.77
C THR B 156 -18.06 16.24 -7.75
N GLU B 157 -18.14 15.85 -9.04
CA GLU B 157 -18.68 16.68 -10.14
C GLU B 157 -20.13 17.11 -9.85
N VAL B 158 -21.01 16.23 -9.35
CA VAL B 158 -22.42 16.63 -9.06
C VAL B 158 -22.46 17.55 -7.82
N ARG B 159 -21.48 17.49 -6.91
CA ARG B 159 -21.40 18.51 -5.80
C ARG B 159 -20.99 19.88 -6.39
N LYS B 160 -19.95 19.92 -7.21
CA LYS B 160 -19.37 21.20 -7.69
C LYS B 160 -20.33 21.89 -8.63
N ASN B 161 -21.04 21.16 -9.49
CA ASN B 161 -21.86 21.71 -10.61
C ASN B 161 -23.29 21.99 -10.09
N GLY B 162 -23.60 21.63 -8.86
CA GLY B 162 -24.84 22.08 -8.18
C GLY B 162 -26.03 21.17 -8.41
N THR B 163 -25.86 19.99 -9.00
CA THR B 163 -26.89 18.93 -9.20
C THR B 163 -27.33 18.40 -7.84
N CYS B 164 -26.36 17.99 -7.00
CA CYS B 164 -26.69 17.51 -5.64
C CYS B 164 -26.08 18.43 -4.57
N ARG B 165 -26.83 19.42 -4.08
CA ARG B 165 -26.30 20.57 -3.30
C ARG B 165 -26.10 20.16 -1.85
N TRP B 166 -26.65 19.02 -1.45
CA TRP B 166 -26.51 18.44 -0.10
C TRP B 166 -25.16 17.75 0.07
N LEU B 167 -24.39 17.61 -0.98
CA LEU B 167 -23.16 16.80 -0.91
C LEU B 167 -22.13 17.63 -0.16
N ARG B 168 -21.27 16.96 0.64
CA ARG B 168 -20.01 17.51 1.18
C ARG B 168 -18.85 16.77 0.54
N PRO B 169 -17.62 17.27 0.70
CA PRO B 169 -16.49 16.82 -0.10
C PRO B 169 -16.03 15.36 0.01
N ASP B 170 -16.20 14.73 1.19
CA ASP B 170 -15.57 13.42 1.54
C ASP B 170 -16.45 12.26 1.06
N GLY B 171 -16.02 11.46 0.09
CA GLY B 171 -16.81 10.31 -0.38
C GLY B 171 -15.93 9.13 -0.81
N LYS B 172 -16.51 7.92 -0.71
CA LYS B 172 -15.90 6.59 -1.03
C LYS B 172 -16.88 5.79 -1.88
N THR B 173 -16.31 4.92 -2.72
CA THR B 173 -17.07 4.09 -3.67
C THR B 173 -16.44 2.71 -3.61
N GLN B 174 -17.15 1.72 -4.13
CA GLN B 174 -16.66 0.35 -4.27
C GLN B 174 -17.62 -0.38 -5.18
N VAL B 175 -17.04 -1.07 -6.13
CA VAL B 175 -17.77 -1.81 -7.17
C VAL B 175 -17.22 -3.22 -7.13
N THR B 176 -18.11 -4.22 -7.16
CA THR B 176 -17.83 -5.66 -7.29
C THR B 176 -18.28 -6.04 -8.68
N VAL B 177 -17.35 -6.54 -9.47
CA VAL B 177 -17.61 -6.95 -10.86
C VAL B 177 -17.53 -8.46 -10.89
N GLU B 178 -18.45 -9.05 -11.65
CA GLU B 178 -18.52 -10.49 -11.94
C GLU B 178 -17.80 -10.67 -13.27
N TYR B 179 -16.87 -11.62 -13.32
CA TYR B 179 -15.82 -11.73 -14.34
C TYR B 179 -15.79 -13.17 -14.82
N TYR B 180 -15.60 -13.29 -16.11
CA TYR B 180 -15.32 -14.56 -16.80
C TYR B 180 -13.83 -14.55 -17.13
N ASN B 181 -13.12 -15.64 -16.81
CA ASN B 181 -11.74 -15.90 -17.28
C ASN B 181 -11.78 -16.52 -18.69
N ASP B 182 -11.38 -15.79 -19.73
CA ASP B 182 -11.27 -16.27 -21.15
C ASP B 182 -9.80 -16.52 -21.50
N ASN B 183 -9.30 -17.71 -21.16
CA ASN B 183 -7.90 -18.17 -21.34
C ASN B 183 -6.88 -17.17 -20.77
N GLY B 184 -7.11 -16.65 -19.55
CA GLY B 184 -6.22 -15.70 -18.82
C GLY B 184 -6.65 -14.25 -19.01
N ALA B 185 -7.39 -13.96 -20.07
CA ALA B 185 -7.97 -12.63 -20.31
C ALA B 185 -9.18 -12.51 -19.40
N MET B 186 -9.41 -11.30 -18.90
CA MET B 186 -10.53 -10.95 -17.99
C MET B 186 -11.64 -10.34 -18.82
N VAL B 187 -12.82 -10.98 -18.79
CA VAL B 187 -14.03 -10.46 -19.48
C VAL B 187 -15.09 -10.18 -18.42
N PRO B 188 -15.40 -8.87 -18.24
CA PRO B 188 -16.43 -8.43 -17.31
C PRO B 188 -17.80 -8.83 -17.78
N VAL B 189 -18.60 -9.38 -16.88
CA VAL B 189 -19.95 -9.92 -17.18
C VAL B 189 -20.98 -8.93 -16.72
N ARG B 190 -20.95 -8.53 -15.44
CA ARG B 190 -21.98 -7.61 -14.89
C ARG B 190 -21.42 -6.94 -13.62
N VAL B 191 -22.07 -5.87 -13.18
CA VAL B 191 -21.81 -5.24 -11.85
C VAL B 191 -22.69 -5.95 -10.84
N HIS B 192 -22.05 -6.70 -9.93
CA HIS B 192 -22.71 -7.51 -8.88
C HIS B 192 -23.16 -6.56 -7.76
N THR B 193 -22.30 -5.70 -7.28
CA THR B 193 -22.63 -4.80 -6.13
C THR B 193 -21.99 -3.43 -6.39
N VAL B 194 -22.74 -2.38 -6.12
CA VAL B 194 -22.22 -0.99 -6.04
C VAL B 194 -22.45 -0.46 -4.68
N LEU B 195 -21.40 0.19 -4.13
CA LEU B 195 -21.42 0.81 -2.81
C LEU B 195 -20.92 2.26 -2.96
N ILE B 196 -21.61 3.19 -2.29
CA ILE B 196 -21.14 4.59 -2.10
C ILE B 196 -21.45 5.00 -0.68
N SER B 197 -20.48 5.63 -0.01
CA SER B 197 -20.63 6.33 1.29
C SER B 197 -20.17 7.74 1.04
N THR B 198 -21.05 8.74 1.17
CA THR B 198 -20.70 10.16 0.91
C THR B 198 -21.12 11.02 2.09
N GLN B 199 -20.27 11.96 2.44
CA GLN B 199 -20.60 13.03 3.39
C GLN B 199 -21.78 13.90 2.86
N HIS B 200 -22.57 14.47 3.76
CA HIS B 200 -23.88 15.06 3.43
C HIS B 200 -24.29 16.06 4.51
N ASP B 201 -25.11 17.05 4.15
CA ASP B 201 -25.54 18.07 5.16
C ASP B 201 -26.79 17.53 5.83
N GLU B 202 -27.41 18.30 6.70
CA GLU B 202 -28.59 17.88 7.49
C GLU B 202 -29.90 18.10 6.73
N THR B 203 -29.90 18.57 5.47
CA THR B 203 -31.13 18.96 4.72
C THR B 203 -31.70 17.78 3.95
N VAL B 204 -31.00 16.65 3.88
CA VAL B 204 -31.37 15.56 2.93
C VAL B 204 -31.74 14.30 3.72
N THR B 205 -32.74 13.51 3.25
CA THR B 205 -33.18 12.23 3.87
C THR B 205 -32.42 11.08 3.21
N ASN B 206 -32.39 9.91 3.83
CA ASN B 206 -31.63 8.77 3.29
C ASN B 206 -32.26 8.29 1.97
N ASP B 207 -33.58 8.40 1.85
CA ASP B 207 -34.31 8.08 0.61
C ASP B 207 -33.89 9.07 -0.48
N GLU B 208 -33.62 10.34 -0.16
CA GLU B 208 -33.23 11.36 -1.16
C GLU B 208 -31.79 11.07 -1.61
N ILE B 209 -30.92 10.73 -0.64
CA ILE B 209 -29.51 10.30 -0.91
C ILE B 209 -29.55 9.09 -1.84
N ALA B 210 -30.33 8.07 -1.53
CA ALA B 210 -30.29 6.80 -2.31
C ALA B 210 -30.80 7.04 -3.75
N ARG B 211 -31.91 7.78 -3.90
CA ARG B 211 -32.43 8.26 -5.20
C ARG B 211 -31.32 9.04 -5.97
N ASP B 212 -30.79 10.08 -5.39
CA ASP B 212 -29.85 11.00 -6.06
C ASP B 212 -28.60 10.22 -6.47
N LEU B 213 -28.10 9.34 -5.58
CA LEU B 213 -26.82 8.63 -5.82
C LEU B 213 -27.03 7.67 -7.00
N LYS B 214 -28.18 6.99 -7.06
CA LYS B 214 -28.47 6.09 -8.22
C LYS B 214 -28.67 6.92 -9.49
N GLU B 215 -29.53 7.93 -9.53
CA GLU B 215 -29.95 8.52 -10.84
C GLU B 215 -28.89 9.53 -11.31
N HIS B 216 -28.21 10.27 -10.40
CA HIS B 216 -27.26 11.36 -10.77
C HIS B 216 -25.84 10.82 -10.87
N VAL B 217 -25.51 9.78 -10.10
CA VAL B 217 -24.08 9.39 -9.86
C VAL B 217 -23.72 8.06 -10.50
N ILE B 218 -24.46 6.97 -10.18
CA ILE B 218 -24.19 5.59 -10.68
C ILE B 218 -24.61 5.43 -12.11
N LYS B 219 -25.89 5.69 -12.39
CA LYS B 219 -26.53 5.31 -13.68
C LYS B 219 -25.79 6.01 -14.81
N PRO B 220 -25.31 7.25 -14.65
CA PRO B 220 -24.54 7.87 -15.74
C PRO B 220 -23.18 7.31 -16.08
N ILE B 221 -22.65 6.43 -15.25
CA ILE B 221 -21.21 6.15 -15.27
C ILE B 221 -21.16 4.70 -15.67
N ILE B 222 -21.98 3.89 -15.05
CA ILE B 222 -21.88 2.43 -15.30
C ILE B 222 -22.62 2.15 -16.61
N PRO B 223 -21.94 1.55 -17.61
CA PRO B 223 -22.65 1.02 -18.77
C PRO B 223 -23.87 0.13 -18.42
N GLU B 224 -25.00 0.42 -19.06
CA GLU B 224 -26.31 -0.29 -18.97
C GLU B 224 -26.13 -1.81 -19.05
N LYS B 225 -25.40 -2.24 -20.05
CA LYS B 225 -25.12 -3.67 -20.31
C LYS B 225 -24.58 -4.36 -19.04
N TYR B 226 -24.01 -3.63 -18.05
CA TYR B 226 -23.41 -4.24 -16.84
C TYR B 226 -24.42 -4.24 -15.69
N LEU B 227 -25.53 -3.51 -15.82
CA LEU B 227 -26.49 -3.35 -14.69
C LEU B 227 -27.73 -4.23 -14.97
N ASP B 228 -28.31 -4.76 -13.92
CA ASP B 228 -29.56 -5.52 -14.07
C ASP B 228 -30.34 -5.37 -12.77
N ASP B 229 -31.48 -6.04 -12.70
CA ASP B 229 -32.44 -5.91 -11.59
C ASP B 229 -31.90 -6.75 -10.42
N LYS B 230 -30.79 -7.48 -10.57
CA LYS B 230 -30.21 -8.15 -9.37
C LYS B 230 -29.02 -7.41 -8.78
N THR B 231 -28.51 -6.34 -9.40
CA THR B 231 -27.36 -5.57 -8.88
C THR B 231 -27.73 -5.07 -7.49
N ILE B 232 -26.85 -5.29 -6.52
CA ILE B 232 -27.01 -4.81 -5.11
C ILE B 232 -26.37 -3.42 -5.01
N PHE B 233 -27.01 -2.54 -4.24
CA PHE B 233 -26.69 -1.11 -4.11
C PHE B 233 -26.71 -0.87 -2.60
N HIS B 234 -25.58 -0.42 -2.02
CA HIS B 234 -25.41 -0.04 -0.62
C HIS B 234 -25.15 1.46 -0.69
N LEU B 235 -26.08 2.28 -0.24
CA LEU B 235 -26.02 3.72 -0.47
C LEU B 235 -26.11 4.36 0.91
N ASN B 236 -24.97 4.90 1.33
CA ASN B 236 -24.78 5.43 2.69
C ASN B 236 -25.24 4.39 3.72
N PRO B 237 -24.69 3.18 3.69
CA PRO B 237 -25.13 2.14 4.61
C PRO B 237 -24.91 2.43 6.09
N SER B 238 -24.07 3.42 6.48
CA SER B 238 -23.83 3.70 7.93
C SER B 238 -25.01 4.48 8.49
N GLY B 239 -25.78 5.10 7.60
CA GLY B 239 -27.05 5.73 7.93
C GLY B 239 -26.87 7.20 8.20
N ARG B 240 -25.64 7.67 8.41
CA ARG B 240 -25.44 9.11 8.75
C ARG B 240 -23.98 9.42 8.55
N PHE B 241 -23.67 10.46 7.74
CA PHE B 241 -22.30 10.86 7.34
C PHE B 241 -22.28 12.40 7.19
N VAL B 242 -22.44 13.11 8.30
CA VAL B 242 -22.48 14.60 8.40
C VAL B 242 -21.08 15.10 8.73
N ILE B 243 -20.47 14.48 9.74
CA ILE B 243 -19.05 14.70 10.11
C ILE B 243 -18.19 13.96 9.10
N GLY B 244 -17.20 14.64 8.53
CA GLY B 244 -16.37 14.03 7.48
C GLY B 244 -15.07 14.77 7.35
N GLY B 245 -14.32 14.44 6.30
CA GLY B 245 -13.01 15.09 6.15
C GLY B 245 -12.12 14.84 7.36
N PRO B 246 -11.03 15.65 7.56
CA PRO B 246 -10.09 15.43 8.64
C PRO B 246 -10.84 15.34 9.97
N HIS B 247 -11.94 16.07 10.14
CA HIS B 247 -12.73 16.02 11.39
C HIS B 247 -13.21 14.57 11.67
N GLY B 248 -13.56 13.75 10.70
CA GLY B 248 -14.00 12.34 10.97
C GLY B 248 -12.93 11.25 10.89
N ASP B 249 -11.72 11.55 10.39
CA ASP B 249 -10.71 10.51 10.06
C ASP B 249 -9.39 11.19 9.71
N ALA B 250 -8.30 10.87 10.39
CA ALA B 250 -6.98 11.50 10.13
C ALA B 250 -6.56 11.07 8.74
N GLY B 251 -5.90 11.94 7.99
CA GLY B 251 -5.39 11.59 6.65
C GLY B 251 -3.89 11.71 6.62
N LEU B 252 -3.24 11.01 5.70
CA LEU B 252 -1.77 10.89 5.52
C LEU B 252 -1.49 10.75 4.05
N THR B 253 -0.35 11.25 3.58
CA THR B 253 0.14 11.00 2.21
C THR B 253 0.41 9.50 2.06
N GLY B 254 0.06 8.91 0.91
CA GLY B 254 0.54 7.57 0.57
C GLY B 254 -0.19 6.44 1.25
N ARG B 255 -1.42 6.70 1.66
CA ARG B 255 -2.32 5.72 2.31
C ARG B 255 -3.44 5.32 1.34
N LYS B 256 -3.22 5.46 0.00
CA LYS B 256 -4.23 5.09 -1.04
C LYS B 256 -3.53 4.59 -2.30
N ILE B 257 -2.54 3.71 -2.13
CA ILE B 257 -1.58 3.38 -3.21
C ILE B 257 -2.28 2.41 -4.16
N ILE B 258 -3.28 1.66 -3.69
CA ILE B 258 -3.99 0.65 -4.55
C ILE B 258 -5.00 1.41 -5.40
N ILE B 259 -5.67 2.37 -4.78
CA ILE B 259 -6.64 3.33 -5.38
C ILE B 259 -5.91 4.24 -6.35
N ASP B 260 -4.64 4.58 -6.07
CA ASP B 260 -3.76 5.33 -7.01
C ASP B 260 -3.40 4.47 -8.24
N THR B 261 -3.52 3.15 -8.21
CA THR B 261 -2.88 2.24 -9.19
C THR B 261 -3.94 1.42 -9.92
N TYR B 262 -4.19 0.15 -9.56
CA TYR B 262 -4.97 -0.84 -10.34
C TYR B 262 -6.07 -1.57 -9.55
N GLY B 263 -6.36 -1.10 -8.37
CA GLY B 263 -7.54 -1.49 -7.55
C GLY B 263 -7.48 -2.95 -7.14
N GLY B 264 -6.24 -3.40 -6.92
CA GLY B 264 -5.94 -4.75 -6.44
C GLY B 264 -5.56 -5.68 -7.57
N TRP B 265 -5.70 -5.23 -8.81
CA TRP B 265 -5.21 -6.05 -9.95
C TRP B 265 -3.73 -5.77 -10.11
N GLY B 266 -3.13 -6.65 -10.89
CA GLY B 266 -1.66 -6.69 -11.13
C GLY B 266 -0.93 -6.94 -9.82
N ALA B 267 0.00 -6.05 -9.45
CA ALA B 267 0.68 -6.05 -8.13
C ALA B 267 1.08 -4.62 -7.77
N HIS B 268 1.51 -4.40 -6.54
CA HIS B 268 2.08 -3.13 -6.03
C HIS B 268 3.37 -3.41 -5.25
N GLY B 269 4.40 -2.58 -5.40
CA GLY B 269 5.72 -2.77 -4.75
C GLY B 269 5.72 -2.11 -3.40
N GLY B 270 4.61 -1.41 -3.13
CA GLY B 270 4.33 -0.70 -1.86
C GLY B 270 4.77 0.75 -1.78
N GLY B 271 5.35 1.31 -2.84
CA GLY B 271 5.80 2.72 -2.74
C GLY B 271 4.68 3.70 -3.05
N ALA B 272 4.62 4.82 -2.35
CA ALA B 272 3.71 5.96 -2.62
C ALA B 272 4.26 6.85 -3.75
N PHE B 273 3.38 7.58 -4.39
CA PHE B 273 3.69 8.54 -5.48
C PHE B 273 3.81 9.97 -4.99
N SER B 274 2.85 10.48 -4.21
CA SER B 274 2.58 11.92 -4.15
C SER B 274 3.65 12.55 -3.26
N GLY B 275 4.04 13.81 -3.53
CA GLY B 275 5.11 14.54 -2.82
C GLY B 275 6.53 14.13 -3.26
N LYS B 276 6.71 13.24 -4.25
CA LYS B 276 8.05 12.80 -4.68
C LYS B 276 8.34 13.40 -6.04
N ASP B 277 9.58 13.84 -6.23
CA ASP B 277 10.20 14.11 -7.54
C ASP B 277 10.57 12.78 -8.22
N PRO B 278 10.84 12.81 -9.55
CA PRO B 278 11.23 11.62 -10.31
C PRO B 278 12.55 10.88 -10.02
N THR B 279 13.47 11.39 -9.21
CA THR B 279 14.59 10.50 -8.78
C THR B 279 14.02 9.40 -7.90
N LYS B 280 12.78 9.63 -7.43
CA LYS B 280 12.11 8.62 -6.59
C LYS B 280 11.56 7.56 -7.56
N VAL B 281 12.29 6.48 -7.76
CA VAL B 281 11.89 5.38 -8.68
C VAL B 281 10.51 4.83 -8.23
N ASP B 282 10.00 5.19 -7.04
CA ASP B 282 8.65 4.71 -6.63
C ASP B 282 7.65 5.18 -7.69
N ARG B 283 7.84 6.42 -8.10
CA ARG B 283 6.97 7.12 -9.06
C ARG B 283 7.42 6.84 -10.50
N SER B 284 8.63 7.23 -10.88
CA SER B 284 9.13 7.16 -12.28
C SER B 284 9.14 5.69 -12.67
N GLY B 285 9.59 4.84 -11.74
CA GLY B 285 9.54 3.37 -11.88
C GLY B 285 8.17 2.82 -12.18
N ALA B 286 7.15 3.14 -11.37
CA ALA B 286 5.78 2.64 -11.62
C ALA B 286 5.19 3.26 -12.89
N TYR B 287 5.54 4.51 -13.21
CA TYR B 287 4.99 5.22 -14.40
C TYR B 287 5.51 4.56 -15.71
N ILE B 288 6.80 4.18 -15.76
CA ILE B 288 7.42 3.51 -16.96
CA ILE B 288 7.39 3.50 -16.97
C ILE B 288 6.91 2.06 -17.06
N VAL B 289 6.80 1.34 -15.96
CA VAL B 289 6.24 -0.04 -16.10
C VAL B 289 4.76 -0.01 -16.50
N ARG B 290 3.99 1.00 -16.10
CA ARG B 290 2.62 1.18 -16.68
C ARG B 290 2.75 1.33 -18.22
N GLN B 291 3.59 2.23 -18.69
CA GLN B 291 3.80 2.44 -20.15
C GLN B 291 4.18 1.12 -20.79
N ALA B 292 5.05 0.31 -20.17
CA ALA B 292 5.52 -0.95 -20.80
C ALA B 292 4.36 -1.91 -20.89
N ALA B 293 3.67 -2.16 -19.75
CA ALA B 293 2.50 -3.07 -19.68
C ALA B 293 1.48 -2.61 -20.71
N LYS B 294 1.16 -1.33 -20.74
CA LYS B 294 0.13 -0.77 -21.67
C LYS B 294 0.56 -0.97 -23.14
N SER B 295 1.84 -0.83 -23.45
CA SER B 295 2.42 -0.91 -24.83
C SER B 295 2.33 -2.36 -25.34
N VAL B 296 2.61 -3.35 -24.47
CA VAL B 296 2.49 -4.80 -24.75
C VAL B 296 1.05 -5.10 -25.15
N VAL B 297 0.08 -4.67 -24.35
CA VAL B 297 -1.36 -4.94 -24.62
C VAL B 297 -1.81 -4.13 -25.83
N ALA B 298 -1.43 -2.86 -25.96
CA ALA B 298 -1.92 -1.99 -27.04
C ALA B 298 -1.32 -2.41 -28.39
N ASN B 299 -0.13 -3.02 -28.42
CA ASN B 299 0.53 -3.50 -29.66
C ASN B 299 -0.08 -4.86 -30.04
N GLY B 300 -1.00 -5.43 -29.24
CA GLY B 300 -1.62 -6.74 -29.53
C GLY B 300 -0.72 -7.93 -29.18
N MET B 301 0.39 -7.77 -28.47
CA MET B 301 1.28 -8.90 -28.10
C MET B 301 0.64 -9.77 -27.01
N ALA B 302 -0.26 -9.22 -26.21
CA ALA B 302 -0.98 -9.96 -25.14
C ALA B 302 -2.28 -9.25 -24.84
N ARG B 303 -3.20 -9.92 -24.17
CA ARG B 303 -4.45 -9.31 -23.67
C ARG B 303 -4.29 -8.68 -22.27
N ARG B 304 -3.34 -9.19 -21.49
CA ARG B 304 -3.05 -8.70 -20.13
C ARG B 304 -1.54 -8.75 -19.93
N ALA B 305 -0.99 -7.87 -19.10
CA ALA B 305 0.48 -7.86 -18.92
C ALA B 305 0.76 -7.27 -17.54
N LEU B 306 1.65 -7.92 -16.82
CA LEU B 306 2.30 -7.41 -15.59
C LEU B 306 3.82 -7.31 -15.79
N VAL B 307 4.41 -6.21 -15.32
CA VAL B 307 5.87 -5.91 -15.52
C VAL B 307 6.41 -5.55 -14.15
N GLN B 308 7.44 -6.22 -13.61
CA GLN B 308 8.09 -5.77 -12.34
C GLN B 308 9.46 -5.19 -12.66
N VAL B 309 9.81 -4.13 -11.96
CA VAL B 309 11.21 -3.64 -11.99
C VAL B 309 11.64 -3.34 -10.55
N SER B 310 12.92 -3.46 -10.29
CA SER B 310 13.50 -3.29 -8.94
C SER B 310 14.78 -2.44 -9.04
N TYR B 311 15.09 -1.73 -7.98
CA TYR B 311 16.27 -0.86 -7.90
C TYR B 311 16.98 -1.07 -6.57
N ALA B 312 18.22 -0.59 -6.58
CA ALA B 312 19.07 -0.34 -5.41
C ALA B 312 19.41 1.14 -5.41
N ILE B 313 19.46 1.75 -4.23
CA ILE B 313 19.84 3.18 -4.15
C ILE B 313 21.26 3.36 -4.72
N GLY B 314 21.46 4.40 -5.52
CA GLY B 314 22.78 4.76 -6.09
C GLY B 314 23.14 3.96 -7.31
N VAL B 315 22.29 3.03 -7.73
CA VAL B 315 22.62 2.21 -8.94
C VAL B 315 21.63 2.59 -10.03
N PRO B 316 22.12 3.05 -11.19
CA PRO B 316 21.24 3.47 -12.28
C PRO B 316 20.43 2.29 -12.84
N GLU B 317 21.10 1.17 -13.07
CA GLU B 317 20.43 -0.01 -13.67
C GLU B 317 19.53 -0.76 -12.68
N PRO B 318 18.33 -1.19 -13.10
CA PRO B 318 17.43 -1.98 -12.26
C PRO B 318 18.09 -3.31 -11.91
N LEU B 319 17.76 -3.85 -10.75
CA LEU B 319 18.33 -5.13 -10.29
C LEU B 319 17.60 -6.29 -10.98
N SER B 320 16.35 -6.09 -11.42
CA SER B 320 15.51 -7.17 -12.00
C SER B 320 14.43 -6.55 -12.87
N VAL B 321 13.97 -7.30 -13.86
CA VAL B 321 12.73 -7.00 -14.64
C VAL B 321 12.02 -8.34 -14.84
N PHE B 322 10.71 -8.38 -14.80
CA PHE B 322 9.92 -9.59 -15.15
CA PHE B 322 9.96 -9.61 -15.25
C PHE B 322 8.74 -9.12 -16.00
N VAL B 323 8.31 -9.96 -16.93
CA VAL B 323 7.07 -9.74 -17.72
C VAL B 323 6.26 -11.02 -17.56
N ASP B 324 4.97 -10.90 -17.25
CA ASP B 324 4.04 -12.04 -17.25
C ASP B 324 2.77 -11.62 -17.98
N THR B 325 2.24 -12.45 -18.86
CA THR B 325 1.03 -12.07 -19.63
C THR B 325 -0.14 -12.99 -19.22
N TYR B 326 0.02 -13.76 -18.15
CA TYR B 326 -1.08 -14.59 -17.62
C TYR B 326 -1.56 -15.60 -18.67
N GLY B 327 -0.68 -16.06 -19.55
CA GLY B 327 -1.01 -17.03 -20.61
C GLY B 327 -1.73 -16.38 -21.77
N THR B 328 -1.74 -15.04 -21.87
CA THR B 328 -2.37 -14.35 -23.02
C THR B 328 -1.35 -13.90 -24.08
N GLY B 329 -0.05 -13.99 -23.86
CA GLY B 329 0.99 -13.51 -24.79
C GLY B 329 0.93 -14.27 -26.12
N LEU B 330 1.01 -13.59 -27.25
CA LEU B 330 1.02 -14.26 -28.57
C LEU B 330 2.43 -14.68 -28.94
N ILE B 331 3.44 -14.19 -28.21
CA ILE B 331 4.84 -14.67 -28.28
C ILE B 331 5.21 -15.01 -26.85
N PRO B 332 6.26 -15.84 -26.63
CA PRO B 332 6.67 -16.21 -25.27
C PRO B 332 7.05 -15.00 -24.41
N ASP B 333 6.78 -15.07 -23.13
CA ASP B 333 7.00 -13.95 -22.17
C ASP B 333 8.48 -13.56 -22.18
N LYS B 334 9.40 -14.52 -22.28
CA LYS B 334 10.86 -14.23 -22.28
C LYS B 334 11.20 -13.36 -23.51
N GLU B 335 10.46 -13.46 -24.60
CA GLU B 335 10.68 -12.59 -25.78
C GLU B 335 10.15 -11.19 -25.51
N ILE B 336 8.94 -11.11 -24.96
CA ILE B 336 8.31 -9.82 -24.54
C ILE B 336 9.27 -9.11 -23.58
N LEU B 337 9.84 -9.81 -22.59
CA LEU B 337 10.86 -9.23 -21.70
C LEU B 337 11.99 -8.63 -22.55
N LYS B 338 12.54 -9.37 -23.52
CA LYS B 338 13.63 -8.92 -24.41
C LYS B 338 13.22 -7.61 -25.08
N ILE B 339 12.04 -7.59 -25.70
CA ILE B 339 11.56 -6.36 -26.40
C ILE B 339 11.39 -5.20 -25.40
N VAL B 340 10.85 -5.44 -24.24
CA VAL B 340 10.60 -4.33 -23.27
C VAL B 340 11.97 -3.72 -22.85
N LYS B 341 12.95 -4.55 -22.46
CA LYS B 341 14.34 -4.14 -22.11
C LYS B 341 14.98 -3.32 -23.24
N GLU B 342 14.75 -3.71 -24.49
CA GLU B 342 15.31 -3.04 -25.69
C GLU B 342 14.59 -1.72 -25.94
N THR B 343 13.30 -1.65 -25.64
CA THR B 343 12.50 -0.44 -25.94
C THR B 343 12.56 0.56 -24.77
N PHE B 344 12.53 0.13 -23.53
CA PHE B 344 12.32 1.00 -22.33
C PHE B 344 13.64 1.27 -21.61
N ASP B 345 13.93 2.51 -21.24
CA ASP B 345 15.17 2.82 -20.48
C ASP B 345 14.78 3.00 -19.03
N PHE B 346 15.21 2.11 -18.13
CA PHE B 346 14.71 2.08 -16.75
C PHE B 346 15.60 2.88 -15.80
N ARG B 347 16.66 3.53 -16.32
CA ARG B 347 17.60 4.27 -15.47
C ARG B 347 16.84 5.53 -15.10
N PRO B 348 16.88 5.97 -13.81
CA PRO B 348 16.01 7.05 -13.34
C PRO B 348 16.27 8.38 -14.03
N GLY B 349 17.53 8.73 -14.31
CA GLY B 349 17.87 9.93 -15.10
C GLY B 349 17.25 9.90 -16.48
N MET B 350 17.10 8.71 -17.06
CA MET B 350 16.55 8.60 -18.41
C MET B 350 15.01 8.69 -18.36
N MET B 351 14.32 7.89 -17.54
CA MET B 351 12.84 7.95 -17.34
C MET B 351 12.41 9.42 -17.15
N THR B 352 13.05 10.19 -16.28
CA THR B 352 12.65 11.60 -15.93
C THR B 352 12.54 12.48 -17.19
N ILE B 353 13.48 12.29 -18.12
CA ILE B 353 13.62 13.08 -19.36
C ILE B 353 12.65 12.49 -20.40
N ASN B 354 12.66 11.18 -20.55
CA ASN B 354 11.76 10.53 -21.52
C ASN B 354 10.27 10.77 -21.17
N LEU B 355 9.87 10.77 -19.93
CA LEU B 355 8.45 11.07 -19.61
C LEU B 355 8.25 12.55 -19.15
N ASP B 356 9.25 13.41 -19.29
CA ASP B 356 9.08 14.87 -18.99
C ASP B 356 8.60 15.13 -17.52
N LEU B 357 9.12 14.39 -16.58
CA LEU B 357 8.60 14.35 -15.20
C LEU B 357 9.22 15.47 -14.33
N LYS B 358 9.99 16.40 -14.93
CA LYS B 358 10.69 17.44 -14.17
C LYS B 358 9.90 18.74 -14.30
N ARG B 359 8.77 18.65 -14.99
CA ARG B 359 7.87 19.81 -15.22
C ARG B 359 6.61 19.64 -14.36
N GLY B 360 6.37 20.62 -13.50
CA GLY B 360 5.18 20.75 -12.64
C GLY B 360 4.46 22.04 -13.02
N GLY B 361 3.72 22.61 -12.07
CA GLY B 361 2.93 23.82 -12.35
C GLY B 361 1.66 23.40 -13.08
N ASN B 362 0.68 24.30 -13.13
CA ASN B 362 -0.58 24.03 -13.85
C ASN B 362 -1.11 22.70 -13.31
N GLY B 363 -0.81 22.47 -12.03
CA GLY B 363 -1.26 21.27 -11.31
C GLY B 363 -0.88 20.01 -12.04
N ARG B 364 0.25 19.99 -12.72
CA ARG B 364 0.68 18.76 -13.41
C ARG B 364 0.59 17.59 -12.43
N PHE B 365 1.16 17.66 -11.22
CA PHE B 365 1.14 16.41 -10.43
C PHE B 365 -0.11 16.40 -9.53
N GLN B 366 -0.52 17.56 -9.06
CA GLN B 366 -1.74 17.68 -8.23
C GLN B 366 -2.88 16.88 -8.91
N LYS B 367 -2.96 16.86 -10.25
CA LYS B 367 -4.07 16.16 -11.01
C LYS B 367 -3.94 14.63 -10.91
N THR B 368 -2.75 14.11 -10.62
CA THR B 368 -2.58 12.64 -10.45
C THR B 368 -2.88 12.26 -9.00
N ALA B 369 -2.99 13.24 -8.10
CA ALA B 369 -3.09 12.90 -6.66
C ALA B 369 -4.56 12.58 -6.28
N ALA B 370 -5.52 12.58 -7.25
CA ALA B 370 -6.90 12.05 -7.10
C ALA B 370 -7.37 11.47 -8.40
N TYR B 371 -8.21 10.43 -8.28
CA TYR B 371 -8.87 9.77 -9.43
C TYR B 371 -7.88 8.85 -10.19
N GLY B 372 -6.71 8.54 -9.60
CA GLY B 372 -5.74 7.53 -10.04
C GLY B 372 -4.73 8.04 -11.05
N HIS B 373 -3.53 7.43 -11.05
CA HIS B 373 -2.36 7.89 -11.85
C HIS B 373 -2.42 7.24 -13.25
N PHE B 374 -3.18 6.17 -13.40
CA PHE B 374 -3.29 5.41 -14.68
C PHE B 374 -4.71 5.49 -15.27
N GLY B 375 -4.76 5.23 -16.59
CA GLY B 375 -5.98 5.15 -17.42
C GLY B 375 -6.61 6.49 -17.75
N ARG B 376 -5.85 7.57 -17.65
CA ARG B 376 -6.36 8.96 -17.87
C ARG B 376 -5.76 9.53 -19.16
N ASP B 377 -6.48 10.31 -19.96
CA ASP B 377 -5.93 10.75 -21.29
C ASP B 377 -5.46 12.23 -21.28
N ASP B 378 -5.35 12.85 -20.13
CA ASP B 378 -4.65 14.14 -20.02
C ASP B 378 -3.24 13.99 -20.64
N PRO B 379 -2.81 14.89 -21.55
CA PRO B 379 -1.48 14.78 -22.16
C PRO B 379 -0.35 14.93 -21.14
N ASP B 380 -0.65 15.41 -19.93
CA ASP B 380 0.35 15.54 -18.84
C ASP B 380 0.74 14.14 -18.34
N PHE B 381 -0.11 13.14 -18.60
CA PHE B 381 0.09 11.73 -18.19
C PHE B 381 0.89 11.04 -19.31
N THR B 382 2.17 11.37 -19.35
CA THR B 382 3.04 11.05 -20.53
C THR B 382 3.27 9.55 -20.58
N TRP B 383 3.07 8.90 -19.45
CA TRP B 383 3.26 7.44 -19.25
C TRP B 383 2.07 6.65 -19.80
N GLU B 384 0.99 7.31 -20.20
CA GLU B 384 -0.14 6.68 -20.92
C GLU B 384 0.09 6.65 -22.43
N VAL B 385 1.11 7.32 -22.95
CA VAL B 385 1.38 7.27 -24.41
C VAL B 385 2.00 5.92 -24.76
N VAL B 386 1.35 5.20 -25.66
CA VAL B 386 1.76 3.85 -26.11
C VAL B 386 2.98 3.99 -27.01
N LYS B 387 3.99 3.17 -26.79
CA LYS B 387 5.21 3.10 -27.63
C LYS B 387 5.05 1.98 -28.66
N PRO B 388 5.36 2.21 -29.94
CA PRO B 388 5.44 1.08 -30.88
C PRO B 388 6.49 0.05 -30.43
N LEU B 389 6.19 -1.24 -30.50
CA LEU B 389 7.09 -2.37 -30.13
C LEU B 389 7.41 -3.17 -31.41
N LYS B 390 8.68 -3.46 -31.72
CA LYS B 390 9.06 -4.28 -32.91
C LYS B 390 8.97 -5.77 -32.56
N TRP B 391 8.00 -6.46 -33.13
CA TRP B 391 7.79 -7.92 -32.97
C TRP B 391 7.19 -8.49 -34.25
N ASP B 392 7.26 -9.82 -34.43
CA ASP B 392 6.69 -10.54 -35.59
C ASP B 392 5.50 -11.36 -35.10
N LYS B 393 4.30 -10.90 -35.44
CA LYS B 393 3.03 -11.53 -35.03
C LYS B 393 3.00 -12.96 -35.62
N PRO B 394 2.88 -14.03 -34.79
CA PRO B 394 3.15 -15.41 -35.22
C PRO B 394 2.77 -15.77 -36.66
N SAM C . 12.90 11.01 1.44
CA SAM C . 14.30 10.65 1.06
C SAM C . 14.95 11.81 0.30
O SAM C . 14.79 12.96 0.74
OXT SAM C . 15.62 11.52 -0.72
CB SAM C . 14.31 9.38 0.21
CG SAM C . 14.05 8.12 1.00
SD SAM C . 15.45 7.48 2.01
CE SAM C . 16.66 6.96 0.78
C5' SAM C . 14.54 5.97 2.32
C4' SAM C . 15.17 5.12 3.38
O4' SAM C . 16.47 4.70 2.91
C3' SAM C . 15.38 5.78 4.73
O3' SAM C . 14.21 5.66 5.54
C2' SAM C . 16.49 4.88 5.27
O2' SAM C . 15.97 3.64 5.67
C1' SAM C . 17.34 4.64 4.01
N9 SAM C . 18.41 5.59 3.85
C8 SAM C . 18.52 6.82 4.46
N7 SAM C . 19.63 7.43 4.16
C5 SAM C . 20.33 6.51 3.36
C6 SAM C . 21.60 6.57 2.76
N6 SAM C . 22.41 7.59 2.96
N1 SAM C . 22.01 5.49 2.02
C2 SAM C . 21.17 4.45 1.92
N3 SAM C . 19.94 4.30 2.41
C4 SAM C . 19.58 5.37 3.16
MG MG D . 8.70 6.15 3.48
MG MG E . 9.66 2.57 -0.37
K K F . 9.43 9.57 3.62
P PO4 G . 7.14 4.63 0.83
O1 PO4 G . 7.59 5.04 2.22
O2 PO4 G . 5.66 4.15 0.92
O3 PO4 G . 8.01 3.49 0.27
O4 PO4 G . 7.21 5.80 -0.05
P PO4 H . 11.13 4.29 2.01
O1 PO4 H . 12.47 4.00 2.65
O2 PO4 H . 10.14 4.73 3.11
O3 PO4 H . 10.68 3.04 1.38
O4 PO4 H . 11.28 5.43 0.98
MG MG I . -8.98 2.02 3.59
C1 PGE J . 10.76 -13.28 11.26
O1 PGE J . 9.87 -12.93 10.21
C2 PGE J . 11.03 -12.13 12.20
O2 PGE J . 11.48 -12.60 13.48
C3 PGE J . 11.14 -11.74 14.56
C4 PGE J . 12.38 -11.11 15.16
O4 PGE J . 9.45 -7.85 16.40
C6 PGE J . 10.15 -9.02 16.84
C5 PGE J . 11.53 -9.15 16.23
O3 PGE J . 12.05 -10.46 16.39
S1 MPO K . -17.92 -3.38 21.26
O1 MPO K . -17.93 -4.50 20.35
O2 MPO K . -16.64 -2.76 21.51
O4 MPO K . -23.26 -7.65 23.23
N1 MPO K . -21.54 -5.61 23.95
C1 MPO K . -18.53 -3.97 22.83
O3 MPO K . -18.87 -2.25 20.81
C2 MPO K . -20.04 -3.73 23.10
C3 MPO K . -20.60 -4.52 24.29
C4 MPO K . -21.53 -6.84 24.76
C5 MPO K . -22.11 -8.01 23.99
C6 MPO K . -23.87 -6.44 23.68
C7 MPO K . -22.94 -5.24 23.57
C1 PEG L . -20.45 -18.59 8.85
O1 PEG L . -19.83 -19.61 8.08
C2 PEG L . -21.63 -17.98 8.17
O2 PEG L . -22.21 -16.97 8.98
C3 PEG L . -23.52 -17.25 9.48
C4 PEG L . -24.54 -17.31 8.37
O4 PEG L . -25.77 -17.93 8.78
O1 PE8 M . -4.80 -10.06 -9.10
C2 PE8 M . -5.36 -11.36 -9.04
C3 PE8 M . -6.61 -11.48 -9.89
O4 PE8 M . -7.01 -12.85 -9.98
C5 PE8 M . -7.88 -13.14 -11.08
C6 PE8 M . -7.87 -14.62 -11.36
O7 PE8 M . -7.63 -14.83 -12.75
C8 PE8 M . -6.95 -16.06 -13.05
C9 PE8 M . -6.36 -16.01 -14.46
O10 PE8 M . -4.94 -16.06 -14.42
C11 PE8 M . -4.38 -17.21 -15.04
C12 PE8 M . -2.91 -17.34 -14.69
O13 PE8 M . -2.69 -18.46 -13.82
C14 PE8 M . -1.42 -19.10 -13.97
C15 PE8 M . -0.44 -18.59 -12.93
O16 PE8 M . 0.88 -19.10 -13.20
C17 PE8 M . 1.82 -18.10 -13.57
C18 PE8 M . 2.31 -17.37 -12.35
O19 PE8 M . 3.43 -16.55 -12.69
C20 PE8 M . 4.02 -15.90 -11.55
C21 PE8 M . 3.78 -14.43 -11.64
O22 PE8 M . 3.83 -13.82 -10.36
C23 PE8 M . 2.69 -13.01 -10.06
C24 PE8 M . 2.95 -12.16 -8.85
O25 PE8 M . 1.81 -11.44 -8.42
N SAM N . -10.65 6.16 11.60
CA SAM N . -12.10 5.77 11.55
C SAM N . -12.62 5.38 12.95
O SAM N . -12.22 6.07 13.93
OXT SAM N . -13.41 4.40 13.01
CB SAM N . -12.29 4.61 10.57
CG SAM N . -12.20 5.01 9.11
SD SAM N . -13.42 6.23 8.49
CE SAM N . -14.94 5.28 8.47
C5' SAM N . -12.75 6.06 6.82
C4' SAM N . -13.46 6.91 5.82
O4' SAM N . -14.87 6.57 5.83
C3' SAM N . -13.41 8.40 6.06
O3' SAM N . -12.17 8.96 5.62
C2' SAM N . -14.57 8.82 5.17
O2' SAM N . -14.17 8.82 3.80
C1' SAM N . -15.59 7.73 5.48
N9 SAM N . -16.49 8.04 6.57
C8 SAM N . -16.29 8.92 7.61
N7 SAM N . -17.30 9.02 8.43
C5 SAM N . -18.25 8.16 7.90
C6 SAM N . -19.56 7.84 8.30
N6 SAM N . -20.18 8.38 9.36
N1 SAM N . -20.26 6.97 7.53
C2 SAM N . -19.63 6.44 6.46
N3 SAM N . -18.42 6.68 5.99
C4 SAM N . -17.77 7.57 6.75
MG MG O . -6.93 6.16 5.86
K K P . -7.02 7.24 9.22
P PO4 Q . -9.85 4.88 4.73
O1 PO4 Q . -10.00 4.36 6.13
O2 PO4 Q . -8.67 5.84 4.71
O3 PO4 Q . -9.59 3.73 3.74
O4 PO4 Q . -11.11 5.61 4.28
P PO4 R . -5.80 3.14 4.94
O1 PO4 R . -5.68 2.55 6.30
O2 PO4 R . -5.94 4.66 5.02
O3 PO4 R . -6.97 2.50 4.20
O4 PO4 R . -4.50 2.82 4.15
P PO4 S . 5.67 29.37 4.76
O1 PO4 S . 6.82 29.06 5.71
O2 PO4 S . 4.43 28.62 5.19
O3 PO4 S . 6.07 28.95 3.36
O4 PO4 S . 5.38 30.88 4.76
S1 MPO T . 19.81 16.77 -10.75
O1 MPO T . 20.73 16.56 -9.66
O2 MPO T . 18.47 17.31 -10.24
O4 MPO T . 24.45 17.34 -16.05
N1 MPO T . 23.16 18.31 -13.86
C1 MPO T . 20.44 18.14 -11.68
O3 MPO T . 19.60 15.68 -11.66
C2 MPO T . 21.95 18.23 -11.65
C3 MPO T . 22.53 19.09 -12.77
C4 MPO T . 22.56 18.56 -15.17
C5 MPO T . 23.56 18.42 -16.27
C6 MPO T . 25.25 17.54 -14.88
C7 MPO T . 24.61 18.48 -13.90
C1 PEG U . 16.85 0.62 -24.24
O1 PEG U . 16.92 1.86 -24.95
C2 PEG U . 17.53 0.69 -22.91
O2 PEG U . 18.93 0.44 -23.03
C3 PEG U . 19.54 0.01 -21.81
C4 PEG U . 20.92 -0.56 -22.07
O4 PEG U . 21.95 0.43 -21.99
#